data_6ARH
#
_entry.id   6ARH
#
_cell.length_a   96.988
_cell.length_b   106.897
_cell.length_c   127.027
_cell.angle_alpha   90.000
_cell.angle_beta   90.000
_cell.angle_gamma   90.000
#
_symmetry.space_group_name_H-M   'P 21 21 21'
#
loop_
_entity.id
_entity.type
_entity.pdbx_description
1 polymer 'N-acetylneuraminate lyase'
2 non-polymer 'ACETATE ION'
3 water water
#
_entity_poly.entity_id   1
_entity_poly.type   'polypeptide(L)'
_entity_poly.pdbx_seq_one_letter_code
;MGHHHHHHGENLYFQGGSMAFPKKKLQGLVAATITPMTENGEINFSVIGQYVDYLVKEQGVKNIFVNGTTGEGLSLSVSE
RRQVAEEWVTKGKDKLDQVIIHVGALSLKESQELAQHAAEIGADGIAVIAPFFLKPWTKDILINFLKEVAAAAPALPFYY
YHIPALTGVKIRAEELLDGILDKIPTFQGLKFSDTDLLDFGQCVDQNRQQQFAFLFGVDEQLLSALVMGATGAVGSTYNY
LGKKTNQMLEAFEQKDFSLALNYQFCIQRFINFVVKLGFGVSQTKAIMTLVSGIPMGPPRLPLQKASREFTDSAEAKLKS
LDFLSFTDLKDGNLEAGS
;
_entity_poly.pdbx_strand_id   A,B,C,D
#
# COMPACT_ATOMS: atom_id res chain seq x y z
N LYS A 25 28.74 -9.87 23.66
CA LYS A 25 27.70 -9.08 22.93
C LYS A 25 27.76 -9.33 21.43
N LEU A 26 26.59 -9.50 20.81
CA LEU A 26 26.45 -9.64 19.36
C LEU A 26 26.69 -8.28 18.75
N GLN A 27 27.75 -8.16 17.95
CA GLN A 27 28.21 -6.84 17.43
C GLN A 27 28.93 -6.95 16.09
N GLY A 28 28.98 -5.84 15.34
CA GLY A 28 29.64 -5.83 14.04
C GLY A 28 28.77 -6.48 13.00
N LEU A 29 29.40 -6.97 11.93
CA LEU A 29 28.66 -7.59 10.84
C LEU A 29 28.19 -8.99 11.18
N VAL A 30 26.95 -9.27 10.79
CA VAL A 30 26.32 -10.55 10.92
C VAL A 30 25.81 -10.93 9.54
N ALA A 31 26.41 -11.96 8.93
CA ALA A 31 25.92 -12.43 7.63
C ALA A 31 24.62 -13.18 7.78
N ALA A 32 23.61 -12.77 7.02
CA ALA A 32 22.39 -13.56 6.88
C ALA A 32 22.72 -14.66 5.89
N THR A 33 22.86 -15.88 6.39
CA THR A 33 23.40 -16.96 5.58
C THR A 33 22.40 -17.52 4.58
N ILE A 34 22.96 -17.91 3.44
CA ILE A 34 22.24 -18.59 2.39
C ILE A 34 22.14 -20.06 2.79
N THR A 35 21.08 -20.74 2.37
CA THR A 35 20.97 -22.18 2.58
C THR A 35 21.39 -22.84 1.29
N PRO A 36 22.62 -23.39 1.27
CA PRO A 36 23.04 -24.07 0.05
C PRO A 36 22.15 -25.26 -0.24
N MET A 37 21.86 -25.49 -1.51
CA MET A 37 21.00 -26.59 -1.94
C MET A 37 21.64 -27.37 -3.07
N THR A 38 21.31 -28.65 -3.12
CA THR A 38 21.72 -29.52 -4.22
C THR A 38 20.83 -29.18 -5.41
N GLU A 39 21.18 -29.68 -6.58
CA GLU A 39 20.37 -29.41 -7.76
C GLU A 39 18.96 -29.99 -7.66
N ASN A 40 18.81 -31.10 -6.93
CA ASN A 40 17.51 -31.70 -6.68
C ASN A 40 16.65 -30.95 -5.63
N GLY A 41 17.18 -29.86 -5.06
CA GLY A 41 16.44 -29.01 -4.12
C GLY A 41 16.53 -29.40 -2.65
N GLU A 42 17.32 -30.41 -2.32
CA GLU A 42 17.59 -30.74 -0.93
C GLU A 42 18.65 -29.79 -0.41
N ILE A 43 18.73 -29.63 0.91
CA ILE A 43 19.79 -28.84 1.51
C ILE A 43 21.14 -29.54 1.28
N ASN A 44 22.13 -28.76 0.87
CA ASN A 44 23.50 -29.26 0.70
C ASN A 44 24.26 -28.97 1.98
N PHE A 45 24.17 -29.90 2.93
CA PHE A 45 24.84 -29.75 4.22
C PHE A 45 26.36 -29.79 4.07
N SER A 46 26.82 -30.48 3.03
CA SER A 46 28.24 -30.77 2.86
C SER A 46 29.16 -29.58 2.61
N VAL A 47 28.61 -28.43 2.22
CA VAL A 47 29.40 -27.22 1.99
C VAL A 47 29.32 -26.14 3.07
N ILE A 48 28.59 -26.42 4.14
CA ILE A 48 28.43 -25.47 5.23
C ILE A 48 29.76 -25.25 5.97
N GLY A 49 30.54 -26.30 6.20
CA GLY A 49 31.89 -26.11 6.76
C GLY A 49 32.73 -25.15 5.94
N GLN A 50 32.74 -25.34 4.62
CA GLN A 50 33.50 -24.47 3.71
C GLN A 50 32.99 -23.04 3.78
N TYR A 51 31.67 -22.90 3.89
CA TYR A 51 31.01 -21.60 3.93
C TYR A 51 31.42 -20.85 5.21
N VAL A 52 31.36 -21.53 6.37
CA VAL A 52 31.83 -20.92 7.62
C VAL A 52 33.27 -20.44 7.48
N ASP A 53 34.14 -21.32 7.00
CA ASP A 53 35.55 -20.98 6.84
C ASP A 53 35.75 -19.75 5.96
N TYR A 54 34.97 -19.68 4.90
CA TYR A 54 35.04 -18.58 3.93
C TYR A 54 34.58 -17.24 4.55
N LEU A 55 33.48 -17.26 5.28
CA LEU A 55 33.04 -16.05 5.97
C LEU A 55 34.13 -15.50 6.88
N VAL A 56 34.74 -16.40 7.65
CA VAL A 56 35.73 -15.98 8.64
C VAL A 56 36.99 -15.47 7.96
N LYS A 57 37.51 -16.24 7.01
CA LYS A 57 38.79 -15.92 6.35
C LYS A 57 38.70 -14.84 5.29
N GLU A 58 37.73 -14.94 4.38
CA GLU A 58 37.67 -14.05 3.23
C GLU A 58 36.81 -12.81 3.46
N GLN A 59 35.76 -12.89 4.28
CA GLN A 59 34.87 -11.74 4.46
C GLN A 59 35.04 -10.99 5.78
N GLY A 60 35.85 -11.53 6.69
CA GLY A 60 36.01 -10.94 8.02
C GLY A 60 34.71 -10.89 8.80
N VAL A 61 33.87 -11.89 8.61
CA VAL A 61 32.57 -11.95 9.25
C VAL A 61 32.60 -13.01 10.33
N LYS A 62 32.27 -12.61 11.55
CA LYS A 62 32.39 -13.44 12.74
C LYS A 62 31.05 -13.92 13.31
N ASN A 63 29.94 -13.47 12.71
CA ASN A 63 28.61 -13.76 13.21
C ASN A 63 27.72 -14.15 12.05
N ILE A 64 26.80 -15.07 12.29
CA ILE A 64 25.78 -15.41 11.30
C ILE A 64 24.36 -15.43 11.86
N PHE A 65 23.42 -15.24 10.94
CA PHE A 65 21.99 -15.19 11.22
C PHE A 65 21.39 -16.20 10.27
N VAL A 66 20.91 -17.30 10.85
CA VAL A 66 20.58 -18.51 10.11
C VAL A 66 19.07 -18.59 9.91
N ASN A 67 18.67 -18.98 8.70
CA ASN A 67 17.26 -19.22 8.37
C ASN A 67 16.37 -17.99 8.41
N GLY A 68 16.96 -16.86 8.05
CA GLY A 68 16.18 -15.66 7.70
C GLY A 68 15.66 -15.73 6.27
N THR A 69 15.24 -14.59 5.70
CA THR A 69 14.80 -14.60 4.30
C THR A 69 15.91 -15.06 3.37
N THR A 70 17.15 -14.63 3.63
CA THR A 70 18.30 -14.99 2.77
C THR A 70 18.54 -16.51 2.78
N GLY A 71 18.27 -17.13 3.91
CA GLY A 71 18.38 -18.58 4.02
C GLY A 71 17.14 -19.35 3.63
N GLU A 72 16.16 -18.67 3.05
CA GLU A 72 14.89 -19.25 2.66
C GLU A 72 14.29 -20.00 3.85
N GLY A 73 14.40 -19.41 5.04
CA GLY A 73 14.14 -20.14 6.28
C GLY A 73 12.78 -20.76 6.37
N LEU A 74 11.76 -20.00 6.00
CA LEU A 74 10.39 -20.47 6.10
C LEU A 74 9.93 -21.29 4.91
N SER A 75 10.78 -21.44 3.90
CA SER A 75 10.58 -22.46 2.85
C SER A 75 11.03 -23.86 3.28
N LEU A 76 11.80 -23.93 4.37
CA LEU A 76 12.30 -25.21 4.90
C LEU A 76 11.30 -25.78 5.89
N SER A 77 11.22 -27.10 5.98
CA SER A 77 10.40 -27.76 7.01
C SER A 77 11.06 -27.58 8.38
N VAL A 78 10.30 -27.85 9.43
CA VAL A 78 10.82 -27.78 10.78
C VAL A 78 12.05 -28.71 10.90
N SER A 79 11.94 -29.95 10.40
CA SER A 79 13.06 -30.88 10.52
C SER A 79 14.29 -30.41 9.72
N GLU A 80 14.07 -29.85 8.53
CA GLU A 80 15.17 -29.25 7.78
C GLU A 80 15.82 -28.09 8.52
N ARG A 81 14.99 -27.25 9.12
CA ARG A 81 15.50 -26.10 9.85
C ARG A 81 16.35 -26.56 11.05
N ARG A 82 15.92 -27.63 11.72
CA ARG A 82 16.72 -28.19 12.82
C ARG A 82 18.03 -28.74 12.28
N GLN A 83 17.95 -29.55 11.24
CA GLN A 83 19.15 -30.17 10.69
C GLN A 83 20.20 -29.16 10.19
N VAL A 84 19.76 -28.08 9.54
CA VAL A 84 20.70 -27.09 9.03
C VAL A 84 21.24 -26.22 10.15
N ALA A 85 20.41 -25.91 11.15
CA ALA A 85 20.89 -25.15 12.32
C ALA A 85 21.98 -25.93 13.06
N GLU A 86 21.78 -27.24 13.19
CA GLU A 86 22.82 -28.14 13.73
C GLU A 86 24.13 -28.02 12.98
N GLU A 87 24.06 -28.01 11.67
CA GLU A 87 25.27 -27.87 10.86
C GLU A 87 25.96 -26.52 11.05
N TRP A 88 25.21 -25.43 11.03
CA TRP A 88 25.82 -24.11 11.25
C TRP A 88 26.45 -23.98 12.62
N VAL A 89 25.76 -24.47 13.65
CA VAL A 89 26.28 -24.38 15.02
C VAL A 89 27.55 -25.24 15.16
N THR A 90 27.51 -26.48 14.69
CA THR A 90 28.67 -27.36 14.87
C THR A 90 29.85 -26.92 14.01
N LYS A 91 29.59 -26.48 12.77
CA LYS A 91 30.68 -25.99 11.92
C LYS A 91 31.18 -24.61 12.32
N GLY A 92 30.36 -23.86 13.05
CA GLY A 92 30.75 -22.55 13.57
C GLY A 92 31.55 -22.63 14.86
N LYS A 93 31.57 -23.78 15.51
CA LYS A 93 32.25 -23.89 16.81
C LYS A 93 33.73 -23.53 16.69
N ASP A 94 34.17 -22.67 17.61
CA ASP A 94 35.55 -22.16 17.66
C ASP A 94 36.01 -21.43 16.41
N LYS A 95 35.06 -20.95 15.60
CA LYS A 95 35.35 -20.25 14.35
C LYS A 95 34.56 -18.95 14.28
N LEU A 96 33.24 -19.06 14.39
CA LEU A 96 32.36 -17.88 14.51
C LEU A 96 32.18 -17.51 15.97
N ASP A 97 32.08 -16.21 16.23
CA ASP A 97 31.75 -15.70 17.56
C ASP A 97 30.32 -16.04 17.93
N GLN A 98 29.37 -15.76 17.03
CA GLN A 98 27.95 -16.05 17.30
C GLN A 98 27.21 -16.64 16.11
N VAL A 99 26.36 -17.62 16.42
CA VAL A 99 25.42 -18.21 15.49
C VAL A 99 24.03 -17.97 16.07
N ILE A 100 23.27 -17.14 15.38
CA ILE A 100 21.94 -16.77 15.78
C ILE A 100 20.98 -17.50 14.85
N ILE A 101 20.01 -18.19 15.43
CA ILE A 101 19.04 -18.95 14.63
C ILE A 101 17.71 -18.18 14.56
N HIS A 102 17.27 -17.87 13.34
CA HIS A 102 15.92 -17.36 13.18
C HIS A 102 14.95 -18.53 13.34
N VAL A 103 14.12 -18.45 14.38
CA VAL A 103 13.18 -19.53 14.72
C VAL A 103 11.72 -19.09 14.48
N GLY A 104 11.53 -17.98 13.80
CA GLY A 104 10.18 -17.50 13.49
C GLY A 104 9.43 -18.45 12.58
N ALA A 105 8.12 -18.51 12.77
CA ALA A 105 7.25 -19.35 11.99
C ALA A 105 5.83 -18.85 12.20
N LEU A 106 4.93 -19.22 11.28
CA LEU A 106 3.54 -18.83 11.41
C LEU A 106 2.87 -19.57 12.56
N SER A 107 3.35 -20.78 12.85
CA SER A 107 2.82 -21.57 13.94
C SER A 107 3.64 -21.35 15.21
N LEU A 108 3.01 -20.84 16.26
CA LEU A 108 3.67 -20.69 17.56
C LEU A 108 4.33 -22.00 18.03
N LYS A 109 3.60 -23.12 17.90
CA LYS A 109 4.15 -24.44 18.29
C LYS A 109 5.46 -24.77 17.58
N GLU A 110 5.51 -24.51 16.29
CA GLU A 110 6.72 -24.76 15.52
C GLU A 110 7.85 -23.82 15.92
N SER A 111 7.55 -22.55 16.13
N SER A 111 7.53 -22.55 16.14
CA SER A 111 8.54 -21.59 16.64
CA SER A 111 8.51 -21.61 16.62
C SER A 111 9.11 -22.03 17.99
C SER A 111 9.10 -22.02 17.99
N GLN A 112 8.23 -22.50 18.88
CA GLN A 112 8.65 -23.00 20.18
C GLN A 112 9.57 -24.21 20.08
N GLU A 113 9.22 -25.13 19.18
CA GLU A 113 10.07 -26.30 18.91
C GLU A 113 11.45 -25.86 18.43
N LEU A 114 11.48 -24.92 17.49
CA LEU A 114 12.75 -24.43 16.97
C LEU A 114 13.58 -23.66 18.02
N ALA A 115 12.93 -22.89 18.89
CA ALA A 115 13.62 -22.17 19.95
C ALA A 115 14.22 -23.14 20.95
N GLN A 116 13.43 -24.12 21.39
CA GLN A 116 13.96 -25.13 22.32
C GLN A 116 15.16 -25.86 21.70
N HIS A 117 15.03 -26.23 20.44
CA HIS A 117 16.11 -26.90 19.71
C HIS A 117 17.38 -26.06 19.64
N ALA A 118 17.23 -24.77 19.33
CA ALA A 118 18.39 -23.87 19.28
C ALA A 118 19.13 -23.81 20.63
N ALA A 119 18.38 -23.82 21.72
CA ALA A 119 18.99 -23.88 23.06
C ALA A 119 19.71 -25.23 23.24
N GLU A 120 19.03 -26.32 22.87
CA GLU A 120 19.61 -27.67 23.01
C GLU A 120 20.95 -27.82 22.31
N ILE A 121 21.06 -27.27 21.10
CA ILE A 121 22.27 -27.43 20.29
C ILE A 121 23.35 -26.41 20.60
N GLY A 122 23.05 -25.42 21.44
CA GLY A 122 24.01 -24.43 21.85
C GLY A 122 24.22 -23.32 20.85
N ALA A 123 23.14 -22.92 20.16
CA ALA A 123 23.19 -21.67 19.39
C ALA A 123 23.41 -20.51 20.36
N ASP A 124 23.92 -19.40 19.86
CA ASP A 124 24.21 -18.24 20.70
C ASP A 124 23.02 -17.32 20.95
N GLY A 125 21.98 -17.46 20.14
CA GLY A 125 20.78 -16.66 20.30
C GLY A 125 19.72 -17.09 19.31
N ILE A 126 18.52 -16.58 19.53
CA ILE A 126 17.44 -16.80 18.61
C ILE A 126 16.81 -15.47 18.21
N ALA A 127 16.21 -15.46 17.03
CA ALA A 127 15.48 -14.30 16.53
C ALA A 127 14.12 -14.72 16.03
N VAL A 128 13.16 -13.81 16.11
CA VAL A 128 11.78 -14.09 15.74
C VAL A 128 11.17 -12.92 14.99
N ILE A 129 10.66 -13.24 13.80
CA ILE A 129 9.80 -12.35 13.03
C ILE A 129 8.36 -12.41 13.57
N ALA A 130 7.63 -11.31 13.51
CA ALA A 130 6.18 -11.34 13.78
C ALA A 130 5.48 -12.24 12.77
N PRO A 131 4.56 -13.10 13.23
CA PRO A 131 3.79 -13.89 12.27
C PRO A 131 2.93 -13.00 11.39
N PHE A 132 2.83 -13.33 10.11
CA PHE A 132 2.41 -12.36 9.10
C PHE A 132 1.33 -12.85 8.16
N PHE A 133 0.61 -13.90 8.56
CA PHE A 133 -0.58 -14.28 7.80
C PHE A 133 -1.79 -13.67 8.48
N LEU A 134 -2.14 -14.19 9.66
CA LEU A 134 -3.04 -13.49 10.57
C LEU A 134 -2.14 -12.61 11.47
N LYS A 135 -2.18 -11.30 11.26
CA LYS A 135 -1.22 -10.39 11.91
C LYS A 135 -1.68 -10.09 13.34
N PRO A 136 -0.72 -9.90 14.27
CA PRO A 136 -1.13 -9.41 15.59
C PRO A 136 -1.82 -8.05 15.47
N TRP A 137 -2.98 -7.91 16.12
CA TRP A 137 -3.74 -6.65 16.09
C TRP A 137 -3.05 -5.52 16.85
N THR A 138 -2.29 -5.86 17.90
CA THR A 138 -1.70 -4.88 18.81
C THR A 138 -0.26 -5.24 19.24
N LYS A 139 0.42 -4.25 19.79
CA LYS A 139 1.71 -4.46 20.47
C LYS A 139 1.67 -5.59 21.48
N ASP A 140 0.69 -5.53 22.38
CA ASP A 140 0.61 -6.48 23.48
C ASP A 140 0.46 -7.92 23.00
N ILE A 141 -0.36 -8.12 21.97
CA ILE A 141 -0.59 -9.45 21.41
C ILE A 141 0.69 -9.98 20.73
N LEU A 142 1.39 -9.11 20.00
CA LEU A 142 2.69 -9.46 19.41
C LEU A 142 3.69 -9.82 20.48
N ILE A 143 3.79 -8.98 21.50
CA ILE A 143 4.69 -9.30 22.61
C ILE A 143 4.37 -10.64 23.28
N ASN A 144 3.09 -10.94 23.47
CA ASN A 144 2.70 -12.25 24.01
C ASN A 144 3.18 -13.41 23.13
N PHE A 145 3.06 -13.26 21.82
CA PHE A 145 3.61 -14.27 20.90
C PHE A 145 5.11 -14.42 21.11
N LEU A 146 5.83 -13.30 21.09
CA LEU A 146 7.27 -13.31 21.24
C LEU A 146 7.71 -13.91 22.56
N LYS A 147 6.98 -13.58 23.63
CA LYS A 147 7.29 -14.06 24.97
C LYS A 147 7.19 -15.58 25.03
N GLU A 148 6.19 -16.16 24.38
CA GLU A 148 5.98 -17.60 24.43
C GLU A 148 7.04 -18.35 23.64
N VAL A 149 7.56 -17.74 22.58
CA VAL A 149 8.70 -18.33 21.88
C VAL A 149 9.95 -18.20 22.74
N ALA A 150 10.22 -17.00 23.24
CA ALA A 150 11.42 -16.76 24.09
C ALA A 150 11.47 -17.71 25.27
N ALA A 151 10.31 -17.98 25.86
CA ALA A 151 10.21 -18.83 27.06
C ALA A 151 10.55 -20.31 26.78
N ALA A 152 10.49 -20.71 25.52
CA ALA A 152 10.94 -22.05 25.11
C ALA A 152 12.47 -22.23 25.12
N ALA A 153 13.20 -21.10 25.13
CA ALA A 153 14.66 -21.06 25.27
C ALA A 153 14.99 -20.01 26.36
N PRO A 154 14.60 -20.32 27.61
CA PRO A 154 14.52 -19.28 28.65
C PRO A 154 15.84 -18.71 29.16
N ALA A 155 16.98 -19.25 28.75
CA ALA A 155 18.27 -18.66 29.02
C ALA A 155 19.04 -18.22 27.77
N LEU A 156 18.39 -18.28 26.59
CA LEU A 156 19.04 -17.88 25.34
C LEU A 156 18.70 -16.42 24.99
N PRO A 157 19.71 -15.60 24.62
CA PRO A 157 19.42 -14.26 24.10
C PRO A 157 18.41 -14.28 22.95
N PHE A 158 17.48 -13.33 23.01
CA PHE A 158 16.35 -13.27 22.11
C PHE A 158 16.40 -11.93 21.40
N TYR A 159 16.27 -11.98 20.07
CA TYR A 159 16.28 -10.78 19.22
C TYR A 159 15.00 -10.68 18.43
N TYR A 160 14.40 -9.50 18.39
CA TYR A 160 13.24 -9.27 17.56
C TYR A 160 13.65 -8.90 16.14
N TYR A 161 13.02 -9.53 15.15
CA TYR A 161 13.31 -9.25 13.75
C TYR A 161 12.19 -8.35 13.21
N HIS A 162 12.49 -7.06 13.12
CA HIS A 162 11.56 -6.04 12.67
C HIS A 162 11.73 -5.88 11.16
N ILE A 163 10.68 -6.18 10.40
CA ILE A 163 10.75 -6.13 8.94
C ILE A 163 9.34 -5.85 8.37
N PRO A 164 8.86 -4.61 8.58
CA PRO A 164 7.45 -4.30 8.26
C PRO A 164 7.09 -4.48 6.79
N ALA A 165 8.05 -4.38 5.87
CA ALA A 165 7.76 -4.57 4.45
C ALA A 165 7.30 -5.98 4.16
N LEU A 166 7.87 -6.95 4.87
CA LEU A 166 7.50 -8.35 4.73
C LEU A 166 6.24 -8.65 5.51
N THR A 167 6.19 -8.25 6.77
CA THR A 167 5.12 -8.70 7.68
C THR A 167 3.81 -7.95 7.54
N GLY A 168 3.86 -6.70 7.07
CA GLY A 168 2.71 -5.79 7.12
C GLY A 168 2.36 -5.28 8.52
N VAL A 169 3.19 -5.56 9.51
CA VAL A 169 2.90 -5.18 10.89
C VAL A 169 3.44 -3.77 11.10
N LYS A 170 2.57 -2.84 11.46
CA LYS A 170 2.89 -1.40 11.47
C LYS A 170 3.46 -0.89 12.81
N ILE A 171 3.70 -1.81 13.74
CA ILE A 171 4.05 -1.46 15.12
C ILE A 171 5.50 -0.96 15.06
N ARG A 172 5.72 0.23 15.61
CA ARG A 172 7.05 0.84 15.63
C ARG A 172 7.94 0.16 16.63
N ALA A 173 9.19 -0.06 16.24
CA ALA A 173 10.12 -0.83 17.04
C ALA A 173 10.38 -0.19 18.40
N GLU A 174 10.49 1.13 18.44
CA GLU A 174 10.81 1.80 19.72
C GLU A 174 9.68 1.55 20.72
N GLU A 175 8.45 1.54 20.22
CA GLU A 175 7.28 1.26 21.06
C GLU A 175 7.23 -0.19 21.54
N LEU A 176 7.57 -1.12 20.64
CA LEU A 176 7.68 -2.53 21.02
C LEU A 176 8.72 -2.75 22.10
N LEU A 177 9.84 -2.04 21.99
CA LEU A 177 10.93 -2.19 22.95
C LEU A 177 10.64 -1.56 24.34
N ASP A 178 9.69 -0.63 24.42
CA ASP A 178 9.43 0.09 25.67
C ASP A 178 8.90 -0.91 26.72
N GLY A 179 9.72 -1.14 27.75
CA GLY A 179 9.40 -2.05 28.85
C GLY A 179 9.47 -3.53 28.49
N ILE A 180 10.15 -3.86 27.40
CA ILE A 180 10.10 -5.23 26.89
C ILE A 180 10.72 -6.27 27.85
N LEU A 181 11.73 -5.87 28.61
CA LEU A 181 12.36 -6.79 29.57
C LEU A 181 11.42 -7.30 30.67
N ASP A 182 10.43 -6.51 31.03
CA ASP A 182 9.41 -6.92 32.00
C ASP A 182 8.58 -8.09 31.50
N LYS A 183 8.45 -8.22 30.18
CA LYS A 183 7.70 -9.28 29.53
C LYS A 183 8.60 -10.40 29.00
N ILE A 184 9.75 -10.05 28.43
CA ILE A 184 10.66 -11.00 27.80
C ILE A 184 12.05 -10.83 28.41
N PRO A 185 12.34 -11.56 29.51
CA PRO A 185 13.59 -11.33 30.23
C PRO A 185 14.87 -11.65 29.47
N THR A 186 14.78 -12.49 28.43
CA THR A 186 15.93 -12.80 27.60
C THR A 186 16.08 -11.85 26.41
N PHE A 187 15.24 -10.82 26.31
CA PHE A 187 15.37 -9.86 25.21
C PHE A 187 16.73 -9.17 25.22
N GLN A 188 17.43 -9.23 24.09
CA GLN A 188 18.77 -8.70 23.98
C GLN A 188 19.03 -7.77 22.80
N GLY A 189 18.00 -7.52 22.00
CA GLY A 189 18.17 -6.59 20.89
C GLY A 189 17.24 -6.80 19.73
N LEU A 190 17.57 -6.10 18.65
CA LEU A 190 16.67 -5.87 17.54
C LEU A 190 17.48 -5.98 16.25
N LYS A 191 16.95 -6.70 15.24
CA LYS A 191 17.37 -6.53 13.84
C LYS A 191 16.31 -5.63 13.22
N PHE A 192 16.74 -4.46 12.74
CA PHE A 192 15.84 -3.43 12.25
C PHE A 192 16.01 -3.33 10.74
N SER A 193 15.08 -3.93 10.01
CA SER A 193 15.06 -3.88 8.54
CA SER A 193 15.08 -3.89 8.55
C SER A 193 13.98 -2.95 8.08
N ASP A 194 14.30 -1.66 8.07
CA ASP A 194 13.35 -0.58 7.83
C ASP A 194 14.21 0.68 7.68
N THR A 195 13.77 1.65 6.88
CA THR A 195 14.54 2.87 6.69
C THR A 195 14.12 4.04 7.59
N ASP A 196 13.18 3.81 8.52
CA ASP A 196 12.72 4.87 9.42
C ASP A 196 13.75 5.07 10.54
N LEU A 197 14.62 6.06 10.40
CA LEU A 197 15.71 6.28 11.35
C LEU A 197 15.28 7.16 12.53
N LEU A 198 14.08 7.72 12.48
CA LEU A 198 13.49 8.26 13.71
C LEU A 198 13.21 7.09 14.66
N ASP A 199 12.56 6.06 14.14
CA ASP A 199 12.24 4.88 14.93
C ASP A 199 13.54 4.18 15.40
N PHE A 200 14.46 3.91 14.47
CA PHE A 200 15.72 3.26 14.84
C PHE A 200 16.51 4.11 15.82
N GLY A 201 16.62 5.40 15.53
CA GLY A 201 17.35 6.32 16.38
C GLY A 201 16.81 6.34 17.79
N GLN A 202 15.49 6.35 17.91
CA GLN A 202 14.86 6.35 19.23
C GLN A 202 14.93 5.01 19.95
N CYS A 203 15.00 3.90 19.21
CA CYS A 203 15.33 2.61 19.82
C CYS A 203 16.65 2.73 20.57
N VAL A 204 17.66 3.31 19.92
CA VAL A 204 18.99 3.47 20.52
C VAL A 204 18.92 4.47 21.69
N ASP A 205 18.36 5.63 21.40
CA ASP A 205 18.33 6.74 22.35
C ASP A 205 17.54 6.43 23.64
N GLN A 206 16.46 5.68 23.51
CA GLN A 206 15.56 5.44 24.66
C GLN A 206 15.94 4.20 25.44
N ASN A 207 16.97 3.47 25.02
CA ASN A 207 17.33 2.18 25.66
C ASN A 207 18.83 2.10 25.94
N ARG A 208 19.33 3.15 26.58
CA ARG A 208 20.76 3.32 26.84
C ARG A 208 21.30 2.42 27.95
N GLN A 209 20.46 2.06 28.91
CA GLN A 209 20.90 1.28 30.08
C GLN A 209 20.74 -0.23 29.92
N GLN A 210 20.37 -0.72 28.72
CA GLN A 210 20.01 -2.13 28.56
C GLN A 210 21.07 -3.04 27.91
N GLN A 211 22.16 -2.47 27.38
CA GLN A 211 23.16 -3.26 26.64
C GLN A 211 22.52 -4.09 25.50
N PHE A 212 21.57 -3.49 24.79
CA PHE A 212 20.91 -4.18 23.69
C PHE A 212 21.77 -4.09 22.43
N ALA A 213 21.63 -5.07 21.55
CA ALA A 213 22.17 -4.97 20.21
C ALA A 213 21.16 -4.25 19.32
N PHE A 214 21.61 -3.21 18.64
CA PHE A 214 20.79 -2.46 17.71
C PHE A 214 21.37 -2.73 16.34
N LEU A 215 20.87 -3.78 15.69
CA LEU A 215 21.48 -4.29 14.47
C LEU A 215 20.66 -3.81 13.28
N PHE A 216 21.31 -3.07 12.39
CA PHE A 216 20.61 -2.52 11.24
C PHE A 216 20.57 -3.53 10.10
N GLY A 217 19.44 -3.58 9.40
CA GLY A 217 19.17 -4.60 8.39
C GLY A 217 19.10 -4.13 6.93
N VAL A 218 19.34 -2.86 6.68
CA VAL A 218 19.28 -2.36 5.29
C VAL A 218 20.70 -2.07 4.83
N ASP A 219 21.31 -3.10 4.24
CA ASP A 219 22.73 -3.06 3.90
C ASP A 219 23.10 -1.81 3.11
N GLU A 220 22.25 -1.49 2.12
CA GLU A 220 22.53 -0.42 1.15
C GLU A 220 22.60 0.98 1.76
N GLN A 221 22.19 1.15 3.00
CA GLN A 221 22.38 2.40 3.70
C GLN A 221 22.86 2.21 5.13
N LEU A 222 23.71 1.21 5.34
CA LEU A 222 24.24 0.95 6.69
C LEU A 222 24.91 2.16 7.34
N LEU A 223 25.69 2.93 6.58
CA LEU A 223 26.36 4.11 7.14
C LEU A 223 25.41 5.06 7.87
N SER A 224 24.22 5.25 7.30
CA SER A 224 23.21 6.15 7.86
C SER A 224 22.73 5.67 9.22
N ALA A 225 22.69 4.35 9.43
CA ALA A 225 22.33 3.77 10.70
C ALA A 225 23.50 3.75 11.70
N LEU A 226 24.72 3.57 11.21
CA LEU A 226 25.90 3.66 12.08
C LEU A 226 25.95 5.02 12.74
N VAL A 227 25.68 6.08 12.01
CA VAL A 227 25.79 7.42 12.59
C VAL A 227 24.75 7.60 13.72
N MET A 228 23.62 6.89 13.63
CA MET A 228 22.56 6.97 14.64
C MET A 228 22.71 5.97 15.78
N GLY A 229 23.80 5.22 15.82
CA GLY A 229 24.14 4.36 16.94
C GLY A 229 23.97 2.87 16.74
N ALA A 230 23.81 2.39 15.50
CA ALA A 230 23.77 0.97 15.27
C ALA A 230 25.02 0.31 15.85
N THR A 231 24.84 -0.84 16.49
CA THR A 231 25.95 -1.58 17.10
C THR A 231 26.46 -2.72 16.22
N GLY A 232 25.79 -2.91 15.10
CA GLY A 232 26.14 -3.91 14.11
C GLY A 232 25.12 -3.93 13.02
N ALA A 233 25.19 -4.95 12.16
CA ALA A 233 24.37 -5.04 10.98
C ALA A 233 24.11 -6.49 10.68
N VAL A 234 22.90 -6.81 10.24
CA VAL A 234 22.61 -8.16 9.77
C VAL A 234 22.14 -8.01 8.34
N GLY A 235 22.75 -8.75 7.44
CA GLY A 235 22.37 -8.63 6.04
C GLY A 235 22.97 -9.67 5.12
N SER A 236 22.37 -9.76 3.94
CA SER A 236 22.80 -10.73 2.93
C SER A 236 24.10 -10.33 2.25
N THR A 237 24.39 -9.04 2.14
CA THR A 237 25.56 -8.64 1.34
C THR A 237 26.88 -8.96 2.04
N TYR A 238 26.86 -9.18 3.36
CA TYR A 238 28.10 -9.43 4.12
C TYR A 238 28.68 -10.81 3.82
N ASN A 239 27.89 -11.67 3.18
CA ASN A 239 28.39 -12.93 2.63
C ASN A 239 29.49 -12.77 1.61
N TYR A 240 29.43 -11.70 0.80
CA TYR A 240 30.36 -11.49 -0.33
C TYR A 240 30.95 -10.06 -0.46
N LEU A 241 30.43 -9.09 0.32
CA LEU A 241 31.02 -7.74 0.42
C LEU A 241 31.51 -7.43 1.84
N GLY A 242 31.79 -8.46 2.64
CA GLY A 242 32.16 -8.25 4.04
C GLY A 242 33.44 -7.46 4.21
N LYS A 243 34.42 -7.72 3.34
CA LYS A 243 35.69 -7.00 3.42
C LYS A 243 35.52 -5.50 3.22
N LYS A 244 34.84 -5.10 2.14
CA LYS A 244 34.61 -3.67 1.91
CA LYS A 244 34.56 -3.69 1.86
C LYS A 244 33.72 -3.09 2.99
N THR A 245 32.71 -3.82 3.43
CA THR A 245 31.85 -3.29 4.50
C THR A 245 32.64 -3.08 5.79
N ASN A 246 33.52 -4.03 6.11
CA ASN A 246 34.41 -3.86 7.26
C ASN A 246 35.32 -2.64 7.11
N GLN A 247 35.80 -2.35 5.90
CA GLN A 247 36.55 -1.12 5.68
C GLN A 247 35.72 0.13 5.98
N MET A 248 34.45 0.08 5.58
CA MET A 248 33.53 1.18 5.88
C MET A 248 33.33 1.33 7.39
N LEU A 249 33.10 0.21 8.07
CA LEU A 249 32.95 0.24 9.53
C LEU A 249 34.16 0.83 10.20
N GLU A 250 35.33 0.44 9.71
CA GLU A 250 36.61 0.89 10.33
C GLU A 250 36.79 2.41 10.09
N ALA A 251 36.42 2.89 8.90
CA ALA A 251 36.52 4.32 8.60
C ALA A 251 35.56 5.10 9.49
N PHE A 252 34.36 4.58 9.67
CA PHE A 252 33.39 5.18 10.57
C PHE A 252 33.94 5.26 12.00
N GLU A 253 34.53 4.15 12.45
CA GLU A 253 35.08 4.09 13.81
C GLU A 253 36.23 5.07 14.00
N GLN A 254 36.97 5.33 12.93
CA GLN A 254 38.02 6.36 12.92
C GLN A 254 37.52 7.78 12.71
N LYS A 255 36.20 7.96 12.64
CA LYS A 255 35.57 9.27 12.46
C LYS A 255 35.89 9.87 11.11
N ASP A 256 36.29 9.03 10.15
CA ASP A 256 36.48 9.51 8.78
C ASP A 256 35.20 9.26 8.00
N PHE A 257 34.24 10.16 8.20
CA PHE A 257 32.91 9.98 7.63
C PHE A 257 32.92 10.16 6.12
N SER A 258 33.80 11.03 5.60
CA SER A 258 33.98 11.19 4.14
C SER A 258 34.45 9.90 3.51
N LEU A 259 35.47 9.29 4.10
CA LEU A 259 35.98 8.03 3.59
C LEU A 259 34.93 6.92 3.71
N ALA A 260 34.28 6.84 4.85
CA ALA A 260 33.23 5.86 5.06
C ALA A 260 32.12 6.01 3.99
N LEU A 261 31.79 7.24 3.64
CA LEU A 261 30.78 7.47 2.61
C LEU A 261 31.24 6.96 1.25
N ASN A 262 32.51 7.22 0.90
N ASN A 262 32.51 7.22 0.90
CA ASN A 262 33.06 6.73 -0.35
CA ASN A 262 33.08 6.70 -0.34
C ASN A 262 32.95 5.19 -0.42
C ASN A 262 32.93 5.19 -0.42
N TYR A 263 33.25 4.50 0.68
CA TYR A 263 33.08 3.06 0.75
C TYR A 263 31.61 2.63 0.67
N GLN A 264 30.73 3.37 1.34
CA GLN A 264 29.30 3.09 1.25
C GLN A 264 28.81 3.22 -0.19
N PHE A 265 29.29 4.24 -0.89
CA PHE A 265 28.90 4.48 -2.27
C PHE A 265 29.33 3.34 -3.21
N CYS A 266 30.51 2.77 -2.99
N CYS A 266 30.49 2.75 -2.98
CA CYS A 266 30.97 1.59 -3.76
CA CYS A 266 30.92 1.63 -3.82
C CYS A 266 29.92 0.49 -3.66
C CYS A 266 29.97 0.45 -3.65
N ILE A 267 29.53 0.21 -2.41
CA ILE A 267 28.51 -0.79 -2.13
C ILE A 267 27.18 -0.45 -2.77
N GLN A 268 26.76 0.81 -2.62
CA GLN A 268 25.54 1.27 -3.26
C GLN A 268 25.51 1.14 -4.78
N ARG A 269 26.64 1.38 -5.42
N ARG A 269 26.64 1.37 -5.43
CA ARG A 269 26.71 1.25 -6.88
CA ARG A 269 26.69 1.25 -6.89
C ARG A 269 26.37 -0.16 -7.33
C ARG A 269 26.37 -0.16 -7.34
N PHE A 270 26.87 -1.16 -6.61
CA PHE A 270 26.52 -2.54 -6.90
C PHE A 270 25.03 -2.80 -6.60
N ILE A 271 24.55 -2.44 -5.40
CA ILE A 271 23.20 -2.84 -5.00
C ILE A 271 22.18 -2.14 -5.88
N ASN A 272 22.40 -0.86 -6.17
CA ASN A 272 21.46 -0.11 -6.99
C ASN A 272 21.38 -0.75 -8.39
N PHE A 273 22.54 -1.13 -8.93
CA PHE A 273 22.60 -1.81 -10.23
C PHE A 273 21.79 -3.11 -10.25
N VAL A 274 21.98 -3.99 -9.28
CA VAL A 274 21.27 -5.26 -9.32
C VAL A 274 19.78 -5.12 -8.97
N VAL A 275 19.44 -4.18 -8.09
CA VAL A 275 18.03 -3.94 -7.76
C VAL A 275 17.23 -3.56 -9.03
N LYS A 276 17.81 -2.75 -9.90
CA LYS A 276 17.15 -2.40 -11.19
C LYS A 276 16.96 -3.59 -12.12
N LEU A 277 17.86 -4.56 -12.05
CA LEU A 277 17.74 -5.79 -12.84
C LEU A 277 16.67 -6.75 -12.32
N GLY A 278 16.43 -6.75 -11.02
CA GLY A 278 15.55 -7.73 -10.37
C GLY A 278 16.41 -8.50 -9.39
N PHE A 279 16.29 -8.18 -8.11
CA PHE A 279 17.23 -8.63 -7.08
C PHE A 279 16.51 -9.13 -5.83
N GLY A 280 16.52 -10.44 -5.64
CA GLY A 280 15.97 -11.06 -4.43
C GLY A 280 16.88 -12.18 -3.99
N VAL A 281 16.33 -13.11 -3.21
CA VAL A 281 17.13 -14.14 -2.58
C VAL A 281 17.80 -15.06 -3.60
N SER A 282 17.09 -15.39 -4.67
N SER A 282 17.11 -15.40 -4.68
CA SER A 282 17.66 -16.22 -5.73
CA SER A 282 17.72 -16.25 -5.72
C SER A 282 18.94 -15.63 -6.31
C SER A 282 18.96 -15.62 -6.31
N GLN A 283 18.90 -14.31 -6.54
CA GLN A 283 20.02 -13.59 -7.09
C GLN A 283 21.18 -13.52 -6.10
N THR A 284 20.86 -13.36 -4.81
CA THR A 284 21.88 -13.43 -3.78
C THR A 284 22.59 -14.79 -3.78
N LYS A 285 21.84 -15.88 -3.95
CA LYS A 285 22.45 -17.21 -4.03
C LYS A 285 23.46 -17.28 -5.16
N ALA A 286 23.05 -16.78 -6.33
CA ALA A 286 23.89 -16.78 -7.54
C ALA A 286 25.15 -15.94 -7.37
N ILE A 287 25.02 -14.77 -6.75
CA ILE A 287 26.15 -13.88 -6.47
C ILE A 287 27.14 -14.54 -5.52
N MET A 288 26.63 -15.13 -4.43
CA MET A 288 27.52 -15.84 -3.50
C MET A 288 28.30 -16.96 -4.21
N THR A 289 27.61 -17.73 -5.04
CA THR A 289 28.28 -18.81 -5.80
C THR A 289 29.43 -18.24 -6.65
N LEU A 290 29.13 -17.16 -7.36
CA LEU A 290 30.09 -16.45 -8.18
C LEU A 290 31.31 -15.93 -7.42
N VAL A 291 31.08 -15.28 -6.28
CA VAL A 291 32.15 -14.61 -5.54
C VAL A 291 32.98 -15.62 -4.75
N SER A 292 32.29 -16.50 -4.04
CA SER A 292 32.95 -17.44 -3.13
C SER A 292 33.51 -18.70 -3.81
N GLY A 293 32.95 -19.08 -4.95
CA GLY A 293 33.26 -20.39 -5.56
C GLY A 293 32.61 -21.61 -4.89
N ILE A 294 31.81 -21.38 -3.86
CA ILE A 294 31.10 -22.43 -3.18
C ILE A 294 29.70 -22.51 -3.80
N PRO A 295 29.30 -23.71 -4.26
CA PRO A 295 27.99 -23.82 -4.95
C PRO A 295 26.81 -23.68 -4.00
N MET A 296 26.07 -22.59 -4.12
CA MET A 296 24.87 -22.40 -3.30
C MET A 296 23.70 -23.18 -3.88
N GLY A 297 23.79 -23.55 -5.16
CA GLY A 297 22.72 -24.26 -5.83
C GLY A 297 21.49 -23.40 -6.09
N PRO A 298 20.42 -24.03 -6.57
CA PRO A 298 19.21 -23.30 -6.89
C PRO A 298 18.47 -22.94 -5.62
N PRO A 299 17.54 -21.97 -5.70
CA PRO A 299 16.62 -21.75 -4.60
C PRO A 299 15.46 -22.72 -4.69
N ARG A 300 14.68 -22.76 -3.62
CA ARG A 300 13.47 -23.56 -3.57
C ARG A 300 12.29 -22.75 -4.05
N LEU A 301 11.37 -23.39 -4.78
CA LEU A 301 10.11 -22.74 -5.12
C LEU A 301 9.46 -22.22 -3.82
N PRO A 302 8.87 -21.03 -3.84
CA PRO A 302 8.47 -20.26 -5.02
C PRO A 302 9.51 -19.29 -5.59
N LEU A 303 10.77 -19.43 -5.19
CA LEU A 303 11.85 -18.72 -5.86
C LEU A 303 12.27 -19.46 -7.11
N GLN A 304 12.87 -18.72 -8.04
CA GLN A 304 13.38 -19.31 -9.27
C GLN A 304 14.83 -18.93 -9.42
N LYS A 305 15.66 -19.87 -9.89
CA LYS A 305 17.08 -19.61 -10.06
C LYS A 305 17.32 -18.37 -10.93
N ALA A 306 18.38 -17.65 -10.59
CA ALA A 306 18.73 -16.44 -11.29
C ALA A 306 19.13 -16.80 -12.71
N SER A 307 18.89 -15.88 -13.62
CA SER A 307 19.24 -16.08 -15.03
C SER A 307 20.74 -15.94 -15.27
N ARG A 308 21.19 -16.54 -16.38
CA ARG A 308 22.55 -16.35 -16.83
C ARG A 308 22.87 -14.87 -17.12
N GLU A 309 21.89 -14.16 -17.70
CA GLU A 309 22.01 -12.74 -18.00
C GLU A 309 22.23 -11.93 -16.73
N PHE A 310 21.44 -12.21 -15.70
CA PHE A 310 21.63 -11.55 -14.41
C PHE A 310 23.03 -11.83 -13.86
N THR A 311 23.42 -13.10 -13.82
CA THR A 311 24.68 -13.51 -13.22
C THR A 311 25.89 -12.90 -13.96
N ASP A 312 25.85 -12.90 -15.29
CA ASP A 312 26.89 -12.25 -16.07
C ASP A 312 26.98 -10.74 -15.80
N SER A 313 25.83 -10.07 -15.81
CA SER A 313 25.76 -8.63 -15.55
C SER A 313 26.29 -8.29 -14.16
N ALA A 314 25.88 -9.08 -13.17
CA ALA A 314 26.33 -8.89 -11.79
C ALA A 314 27.83 -9.14 -11.64
N GLU A 315 28.33 -10.20 -12.28
CA GLU A 315 29.77 -10.48 -12.27
C GLU A 315 30.57 -9.28 -12.81
N ALA A 316 30.14 -8.78 -13.96
CA ALA A 316 30.84 -7.66 -14.60
C ALA A 316 30.82 -6.42 -13.70
N LYS A 317 29.69 -6.18 -13.04
CA LYS A 317 29.59 -5.04 -12.15
C LYS A 317 30.50 -5.19 -10.94
N LEU A 318 30.52 -6.38 -10.36
CA LEU A 318 31.42 -6.67 -9.22
C LEU A 318 32.89 -6.43 -9.61
N LYS A 319 33.28 -6.91 -10.78
CA LYS A 319 34.65 -6.70 -11.27
C LYS A 319 34.99 -5.24 -11.45
N SER A 320 34.08 -4.48 -12.06
CA SER A 320 34.30 -3.05 -12.33
C SER A 320 34.44 -2.21 -11.06
N LEU A 321 33.82 -2.66 -9.97
CA LEU A 321 33.92 -2.00 -8.67
C LEU A 321 35.03 -2.56 -7.79
N ASP A 322 35.80 -3.54 -8.27
CA ASP A 322 36.88 -4.21 -7.51
C ASP A 322 36.39 -5.03 -6.31
N PHE A 323 35.24 -5.67 -6.48
CA PHE A 323 34.71 -6.66 -5.52
C PHE A 323 34.99 -8.11 -5.93
N LEU A 324 35.71 -8.29 -7.03
CA LEU A 324 35.92 -9.60 -7.61
C LEU A 324 37.09 -9.58 -8.59
N LYS B 24 26.20 31.70 -6.73
CA LYS B 24 25.07 31.39 -5.80
C LYS B 24 24.80 29.89 -5.78
N LYS B 25 24.58 29.33 -4.59
CA LYS B 25 24.11 27.96 -4.41
C LYS B 25 23.16 27.89 -3.21
N LEU B 26 22.04 27.18 -3.38
CA LEU B 26 21.05 26.98 -2.31
C LEU B 26 21.60 25.91 -1.39
N GLN B 27 21.83 26.25 -0.13
CA GLN B 27 22.52 25.35 0.79
C GLN B 27 22.15 25.67 2.24
N GLY B 28 22.48 24.72 3.12
CA GLY B 28 22.12 24.85 4.53
C GLY B 28 20.62 24.68 4.72
N LEU B 29 20.10 25.29 5.78
CA LEU B 29 18.69 25.12 6.12
C LEU B 29 17.82 25.99 5.26
N VAL B 30 16.71 25.39 4.82
CA VAL B 30 15.67 26.09 4.09
C VAL B 30 14.39 25.83 4.86
N ALA B 31 13.78 26.87 5.40
CA ALA B 31 12.51 26.69 6.12
C ALA B 31 11.37 26.59 5.13
N ALA B 32 10.60 25.49 5.25
CA ALA B 32 9.35 25.38 4.51
C ALA B 32 8.35 26.26 5.28
N THR B 33 8.05 27.42 4.72
CA THR B 33 7.28 28.42 5.43
C THR B 33 5.78 28.08 5.51
N ILE B 34 5.23 28.49 6.63
CA ILE B 34 3.81 28.40 6.91
C ILE B 34 3.12 29.56 6.23
N THR B 35 1.87 29.38 5.79
CA THR B 35 1.08 30.47 5.25
C THR B 35 0.21 31.01 6.39
N PRO B 36 0.56 32.19 6.94
CA PRO B 36 -0.25 32.69 8.03
C PRO B 36 -1.64 33.03 7.54
N MET B 37 -2.65 32.73 8.34
CA MET B 37 -4.02 33.01 7.96
C MET B 37 -4.74 33.75 9.08
N THR B 38 -5.75 34.52 8.69
CA THR B 38 -6.66 35.13 9.65
C THR B 38 -7.64 34.06 10.15
N GLU B 39 -8.35 34.36 11.24
CA GLU B 39 -9.31 33.40 11.75
C GLU B 39 -10.40 33.08 10.71
N ASN B 40 -10.65 34.01 9.79
CA ASN B 40 -11.61 33.80 8.70
C ASN B 40 -11.04 33.01 7.50
N GLY B 41 -9.79 32.53 7.59
CA GLY B 41 -9.20 31.68 6.53
C GLY B 41 -8.48 32.42 5.41
N GLU B 42 -8.48 33.75 5.43
CA GLU B 42 -7.76 34.54 4.44
C GLU B 42 -6.28 34.58 4.82
N ILE B 43 -5.42 34.77 3.83
CA ILE B 43 -4.00 34.88 4.10
C ILE B 43 -3.74 36.18 4.89
N ASN B 44 -2.96 36.04 5.95
CA ASN B 44 -2.53 37.17 6.74
C ASN B 44 -1.18 37.65 6.26
N PHE B 45 -1.21 38.49 5.23
CA PHE B 45 0.02 39.01 4.61
C PHE B 45 0.81 39.91 5.57
N SER B 46 0.08 40.53 6.50
CA SER B 46 0.65 41.57 7.37
C SER B 46 1.77 41.08 8.29
N VAL B 47 1.77 39.79 8.63
CA VAL B 47 2.80 39.24 9.53
C VAL B 47 3.98 38.59 8.81
N ILE B 48 3.99 38.58 7.46
CA ILE B 48 5.09 37.94 6.72
C ILE B 48 6.45 38.64 6.93
N GLY B 49 6.49 39.97 6.92
CA GLY B 49 7.72 40.72 7.24
C GLY B 49 8.31 40.32 8.59
N GLN B 50 7.47 40.27 9.60
CA GLN B 50 7.84 39.84 10.94
C GLN B 50 8.37 38.41 10.96
N TYR B 51 7.71 37.55 10.19
CA TYR B 51 8.11 36.15 10.08
C TYR B 51 9.51 36.04 9.47
N VAL B 52 9.75 36.76 8.37
CA VAL B 52 11.07 36.78 7.72
C VAL B 52 12.15 37.22 8.73
N ASP B 53 11.89 38.31 9.43
CA ASP B 53 12.86 38.81 10.42
C ASP B 53 13.15 37.81 11.52
N TYR B 54 12.11 37.11 11.98
CA TYR B 54 12.22 36.11 13.01
C TYR B 54 13.07 34.92 12.52
N LEU B 55 12.83 34.47 11.29
CA LEU B 55 13.66 33.40 10.73
C LEU B 55 15.13 33.76 10.75
N VAL B 56 15.43 34.97 10.29
CA VAL B 56 16.81 35.43 10.13
C VAL B 56 17.47 35.62 11.52
N LYS B 57 16.79 36.31 12.42
CA LYS B 57 17.38 36.71 13.71
C LYS B 57 17.35 35.59 14.74
N GLU B 58 16.20 34.95 14.90
CA GLU B 58 16.02 33.98 15.98
C GLU B 58 16.35 32.53 15.61
N GLN B 59 16.25 32.19 14.32
CA GLN B 59 16.51 30.80 13.88
C GLN B 59 17.77 30.62 13.01
N GLY B 60 18.42 31.72 12.63
CA GLY B 60 19.55 31.65 11.70
C GLY B 60 19.23 31.00 10.38
N VAL B 61 17.98 31.17 9.92
CA VAL B 61 17.54 30.58 8.67
C VAL B 61 17.61 31.65 7.60
N LYS B 62 18.33 31.36 6.53
CA LYS B 62 18.60 32.30 5.47
C LYS B 62 17.88 32.00 4.16
N ASN B 63 17.15 30.87 4.10
CA ASN B 63 16.49 30.46 2.88
C ASN B 63 15.10 29.97 3.23
N ILE B 64 14.15 30.22 2.32
CA ILE B 64 12.79 29.71 2.48
C ILE B 64 12.27 29.01 1.24
N PHE B 65 11.32 28.13 1.49
CA PHE B 65 10.65 27.34 0.49
C PHE B 65 9.17 27.60 0.71
N VAL B 66 8.58 28.33 -0.24
CA VAL B 66 7.24 28.91 -0.11
C VAL B 66 6.19 28.10 -0.85
N ASN B 67 5.05 27.89 -0.20
CA ASN B 67 3.89 27.24 -0.78
C ASN B 67 4.12 25.75 -1.04
N GLY B 68 4.92 25.15 -0.18
CA GLY B 68 5.06 23.70 -0.11
C GLY B 68 3.93 23.13 0.72
N THR B 69 4.09 21.90 1.18
CA THR B 69 3.07 21.27 2.00
C THR B 69 2.86 22.05 3.31
N THR B 70 3.94 22.48 3.93
CA THR B 70 3.87 23.25 5.17
C THR B 70 3.13 24.58 4.98
N GLY B 71 3.29 25.16 3.79
CA GLY B 71 2.60 26.38 3.41
C GLY B 71 1.17 26.16 2.89
N GLU B 72 0.65 24.92 2.95
CA GLU B 72 -0.68 24.61 2.40
C GLU B 72 -0.81 25.12 0.96
N GLY B 73 0.29 25.06 0.20
CA GLY B 73 0.36 25.67 -1.11
C GLY B 73 -0.78 25.28 -2.04
N LEU B 74 -1.08 23.99 -2.07
CA LEU B 74 -2.07 23.51 -3.04
C LEU B 74 -3.50 23.65 -2.49
N SER B 75 -3.65 24.13 -1.25
CA SER B 75 -4.96 24.58 -0.75
C SER B 75 -5.28 26.01 -1.18
N LEU B 76 -4.28 26.74 -1.69
CA LEU B 76 -4.44 28.12 -2.06
C LEU B 76 -4.78 28.24 -3.54
N SER B 77 -5.55 29.27 -3.90
CA SER B 77 -5.85 29.54 -5.31
C SER B 77 -4.61 30.07 -6.01
N VAL B 78 -4.62 30.06 -7.33
CA VAL B 78 -3.49 30.62 -8.09
C VAL B 78 -3.28 32.09 -7.72
N SER B 79 -4.36 32.87 -7.64
CA SER B 79 -4.24 34.28 -7.26
C SER B 79 -3.60 34.44 -5.89
N GLU B 80 -4.05 33.64 -4.92
CA GLU B 80 -3.48 33.63 -3.56
C GLU B 80 -2.00 33.26 -3.56
N ARG B 81 -1.63 32.26 -4.36
CA ARG B 81 -0.25 31.82 -4.46
C ARG B 81 0.64 32.92 -5.03
N ARG B 82 0.15 33.64 -6.03
CA ARG B 82 0.89 34.78 -6.60
C ARG B 82 1.07 35.88 -5.56
N GLN B 83 -0.01 36.24 -4.87
CA GLN B 83 0.04 37.32 -3.88
C GLN B 83 0.99 37.00 -2.75
N VAL B 84 0.92 35.77 -2.24
CA VAL B 84 1.74 35.45 -1.08
C VAL B 84 3.21 35.29 -1.48
N ALA B 85 3.49 34.74 -2.68
CA ALA B 85 4.85 34.72 -3.20
C ALA B 85 5.44 36.13 -3.33
N GLU B 86 4.65 37.08 -3.82
CA GLU B 86 5.09 38.47 -3.91
C GLU B 86 5.49 39.04 -2.55
N GLU B 87 4.67 38.77 -1.53
CA GLU B 87 4.95 39.26 -0.21
C GLU B 87 6.25 38.65 0.34
N TRP B 88 6.40 37.34 0.20
CA TRP B 88 7.65 36.70 0.66
C TRP B 88 8.89 37.23 -0.03
N VAL B 89 8.83 37.38 -1.36
CA VAL B 89 10.00 37.87 -2.11
C VAL B 89 10.33 39.30 -1.68
N THR B 90 9.30 40.13 -1.57
CA THR B 90 9.47 41.53 -1.19
C THR B 90 10.06 41.65 0.21
N LYS B 91 9.46 40.95 1.17
CA LYS B 91 9.95 40.98 2.54
C LYS B 91 11.28 40.27 2.77
N GLY B 92 11.63 39.33 1.90
CA GLY B 92 12.91 38.66 1.94
C GLY B 92 14.07 39.45 1.34
N LYS B 93 13.79 40.49 0.57
CA LYS B 93 14.83 41.27 -0.12
C LYS B 93 15.83 41.84 0.90
N ASP B 94 17.12 41.59 0.65
CA ASP B 94 18.22 42.03 1.52
C ASP B 94 18.19 41.47 2.94
N LYS B 95 17.49 40.35 3.14
CA LYS B 95 17.38 39.71 4.46
C LYS B 95 17.62 38.23 4.34
N LEU B 96 16.84 37.57 3.48
CA LEU B 96 17.09 36.17 3.12
C LEU B 96 18.05 36.06 1.95
N ASP B 97 18.88 35.01 1.96
CA ASP B 97 19.72 34.68 0.81
C ASP B 97 18.87 34.21 -0.37
N GLN B 98 17.96 33.26 -0.12
CA GLN B 98 17.12 32.70 -1.18
C GLN B 98 15.66 32.51 -0.80
N VAL B 99 14.77 32.90 -1.70
CA VAL B 99 13.34 32.64 -1.60
C VAL B 99 13.00 31.72 -2.77
N ILE B 100 12.61 30.49 -2.47
CA ILE B 100 12.27 29.50 -3.48
C ILE B 100 10.76 29.32 -3.45
N ILE B 101 10.12 29.47 -4.60
CA ILE B 101 8.67 29.32 -4.69
C ILE B 101 8.31 27.93 -5.24
N HIS B 102 7.54 27.18 -4.46
CA HIS B 102 6.95 25.96 -4.97
C HIS B 102 5.81 26.35 -5.92
N VAL B 103 5.97 26.04 -7.20
CA VAL B 103 4.99 26.40 -8.23
C VAL B 103 4.24 25.16 -8.76
N GLY B 104 4.42 24.02 -8.10
CA GLY B 104 3.75 22.80 -8.52
C GLY B 104 2.24 22.91 -8.40
N ALA B 105 1.55 22.31 -9.37
CA ALA B 105 0.08 22.28 -9.38
C ALA B 105 -0.32 21.05 -10.16
N LEU B 106 -1.55 20.64 -9.99
CA LEU B 106 -2.05 19.53 -10.81
C LEU B 106 -2.22 19.94 -12.27
N SER B 107 -2.52 21.21 -12.50
CA SER B 107 -2.67 21.75 -13.86
C SER B 107 -1.35 22.29 -14.36
N LEU B 108 -0.88 21.77 -15.47
CA LEU B 108 0.35 22.28 -16.11
C LEU B 108 0.24 23.78 -16.37
N LYS B 109 -0.92 24.20 -16.85
CA LYS B 109 -1.15 25.60 -17.20
C LYS B 109 -0.97 26.50 -16.01
N GLU B 110 -1.51 26.08 -14.87
CA GLU B 110 -1.39 26.84 -13.65
C GLU B 110 0.05 26.84 -13.13
N SER B 111 0.72 25.71 -13.22
N SER B 111 0.73 25.71 -13.20
CA SER B 111 2.11 25.62 -12.80
CA SER B 111 2.14 25.66 -12.79
C SER B 111 3.00 26.56 -13.64
C SER B 111 3.00 26.59 -13.64
N GLN B 112 2.75 26.58 -14.95
CA GLN B 112 3.45 27.50 -15.88
C GLN B 112 3.19 28.97 -15.53
N GLU B 113 1.94 29.28 -15.20
CA GLU B 113 1.58 30.63 -14.77
C GLU B 113 2.37 31.05 -13.55
N LEU B 114 2.42 30.16 -12.56
CA LEU B 114 3.12 30.44 -11.31
C LEU B 114 4.63 30.51 -11.51
N ALA B 115 5.17 29.67 -12.41
CA ALA B 115 6.60 29.71 -12.71
C ALA B 115 6.99 31.05 -13.37
N GLN B 116 6.21 31.48 -14.36
CA GLN B 116 6.45 32.76 -15.04
C GLN B 116 6.37 33.91 -14.04
N HIS B 117 5.37 33.86 -13.16
CA HIS B 117 5.20 34.87 -12.14
C HIS B 117 6.39 34.93 -11.18
N ALA B 118 6.88 33.77 -10.75
CA ALA B 118 8.05 33.71 -9.89
C ALA B 118 9.27 34.37 -10.52
N ALA B 119 9.46 34.17 -11.82
CA ALA B 119 10.55 34.84 -12.57
C ALA B 119 10.31 36.35 -12.61
N GLU B 120 9.08 36.76 -12.87
CA GLU B 120 8.70 38.20 -12.94
C GLU B 120 9.02 38.96 -11.64
N ILE B 121 8.71 38.33 -10.51
CA ILE B 121 8.91 38.95 -9.21
C ILE B 121 10.31 38.81 -8.67
N GLY B 122 11.15 38.00 -9.32
CA GLY B 122 12.54 37.84 -8.91
C GLY B 122 12.73 36.93 -7.73
N ALA B 123 11.96 35.83 -7.70
CA ALA B 123 12.28 34.73 -6.80
C ALA B 123 13.64 34.16 -7.18
N ASP B 124 14.28 33.49 -6.24
CA ASP B 124 15.61 32.93 -6.45
C ASP B 124 15.59 31.57 -7.14
N GLY B 125 14.42 30.93 -7.12
CA GLY B 125 14.27 29.64 -7.77
C GLY B 125 12.84 29.16 -7.64
N ILE B 126 12.54 28.09 -8.36
CA ILE B 126 11.23 27.46 -8.32
C ILE B 126 11.38 25.99 -8.09
N ALA B 127 10.38 25.39 -7.44
CA ALA B 127 10.36 23.95 -7.24
C ALA B 127 9.03 23.42 -7.72
N VAL B 128 9.02 22.15 -8.14
CA VAL B 128 7.82 21.51 -8.68
C VAL B 128 7.72 20.08 -8.14
N ILE B 129 6.57 19.78 -7.55
CA ILE B 129 6.21 18.43 -7.13
C ILE B 129 5.67 17.68 -8.35
N ALA B 130 5.78 16.36 -8.35
CA ALA B 130 5.14 15.59 -9.42
C ALA B 130 3.63 15.68 -9.26
N PRO B 131 2.90 15.91 -10.36
CA PRO B 131 1.45 15.94 -10.32
C PRO B 131 0.91 14.54 -10.04
N PHE B 132 -0.15 14.48 -9.24
CA PHE B 132 -0.56 13.23 -8.61
C PHE B 132 -2.08 12.96 -8.67
N PHE B 133 -2.79 13.64 -9.55
CA PHE B 133 -4.23 13.33 -9.83
C PHE B 133 -4.25 12.17 -10.83
N LEU B 134 -3.56 12.38 -11.94
CA LEU B 134 -3.26 11.39 -12.94
C LEU B 134 -1.74 11.31 -12.93
N LYS B 135 -1.20 10.21 -12.42
CA LYS B 135 0.23 10.15 -12.16
C LYS B 135 0.97 9.88 -13.45
N PRO B 136 2.13 10.49 -13.63
CA PRO B 136 2.93 10.16 -14.81
C PRO B 136 3.36 8.70 -14.82
N TRP B 137 3.23 8.03 -15.96
CA TRP B 137 3.52 6.60 -16.01
C TRP B 137 5.00 6.30 -15.89
N THR B 138 5.86 7.20 -16.36
CA THR B 138 7.29 6.94 -16.44
C THR B 138 8.07 8.19 -16.06
N LYS B 139 9.34 7.97 -15.74
CA LYS B 139 10.29 9.04 -15.50
C LYS B 139 10.28 10.05 -16.64
N ASP B 140 10.31 9.56 -17.88
CA ASP B 140 10.42 10.45 -19.03
C ASP B 140 9.19 11.35 -19.20
N ILE B 141 8.02 10.81 -18.89
CA ILE B 141 6.79 11.58 -18.97
C ILE B 141 6.81 12.64 -17.88
N LEU B 142 7.20 12.28 -16.67
CA LEU B 142 7.34 13.25 -15.59
C LEU B 142 8.31 14.36 -15.97
N ILE B 143 9.45 13.98 -16.55
CA ILE B 143 10.44 14.94 -17.02
C ILE B 143 9.80 15.93 -18.00
N ASN B 144 8.98 15.43 -18.91
CA ASN B 144 8.33 16.32 -19.88
C ASN B 144 7.42 17.33 -19.18
N PHE B 145 6.67 16.91 -18.16
CA PHE B 145 5.86 17.85 -17.39
C PHE B 145 6.76 18.88 -16.71
N LEU B 146 7.81 18.41 -16.03
CA LEU B 146 8.69 19.30 -15.31
C LEU B 146 9.40 20.30 -16.25
N LYS B 147 9.82 19.81 -17.41
CA LYS B 147 10.47 20.62 -18.44
C LYS B 147 9.61 21.78 -18.88
N GLU B 148 8.33 21.53 -19.10
CA GLU B 148 7.43 22.56 -19.61
C GLU B 148 7.15 23.62 -18.56
N VAL B 149 7.23 23.24 -17.28
CA VAL B 149 7.09 24.21 -16.21
C VAL B 149 8.38 25.03 -16.09
N ALA B 150 9.52 24.34 -16.04
CA ALA B 150 10.83 24.99 -15.97
C ALA B 150 11.04 25.99 -17.10
N ALA B 151 10.57 25.64 -18.29
CA ALA B 151 10.76 26.49 -19.48
C ALA B 151 9.95 27.79 -19.41
N ALA B 152 8.95 27.85 -18.53
CA ALA B 152 8.22 29.13 -18.31
C ALA B 152 9.00 30.12 -17.44
N ALA B 153 10.09 29.66 -16.81
CA ALA B 153 11.01 30.51 -16.04
C ALA B 153 12.44 30.12 -16.45
N PRO B 154 12.82 30.44 -17.70
CA PRO B 154 14.05 29.89 -18.27
C PRO B 154 15.36 30.43 -17.68
N ALA B 155 15.31 31.48 -16.86
CA ALA B 155 16.50 31.97 -16.14
C ALA B 155 16.47 31.70 -14.62
N LEU B 156 15.59 30.81 -14.18
CA LEU B 156 15.44 30.56 -12.76
C LEU B 156 15.87 29.13 -12.44
N PRO B 157 16.73 28.96 -11.43
CA PRO B 157 17.07 27.62 -10.95
C PRO B 157 15.80 26.83 -10.63
N PHE B 158 15.80 25.57 -11.03
CA PHE B 158 14.65 24.68 -10.90
C PHE B 158 15.02 23.50 -9.98
N TYR B 159 14.13 23.22 -9.02
CA TYR B 159 14.34 22.12 -8.07
C TYR B 159 13.17 21.16 -8.15
N TYR B 160 13.46 19.87 -8.14
CA TYR B 160 12.40 18.87 -8.10
C TYR B 160 12.08 18.55 -6.65
N TYR B 161 10.78 18.50 -6.35
CA TYR B 161 10.28 18.25 -5.01
C TYR B 161 9.77 16.82 -4.99
N HIS B 162 10.54 15.96 -4.33
CA HIS B 162 10.32 14.50 -4.29
C HIS B 162 9.70 14.19 -2.93
N ILE B 163 8.48 13.67 -2.95
CA ILE B 163 7.74 13.37 -1.71
C ILE B 163 6.72 12.24 -1.99
N PRO B 164 7.21 11.02 -2.22
CA PRO B 164 6.35 9.89 -2.62
C PRO B 164 5.25 9.54 -1.63
N ALA B 165 5.45 9.79 -0.35
CA ALA B 165 4.39 9.45 0.63
C ALA B 165 3.13 10.24 0.38
N LEU B 166 3.28 11.47 -0.11
CA LEU B 166 2.15 12.32 -0.43
C LEU B 166 1.62 12.06 -1.83
N THR B 167 2.51 12.00 -2.82
CA THR B 167 2.07 11.95 -4.22
C THR B 167 1.70 10.56 -4.69
N GLY B 168 2.31 9.55 -4.07
CA GLY B 168 2.20 8.19 -4.54
C GLY B 168 2.90 7.90 -5.86
N VAL B 169 3.79 8.79 -6.30
CA VAL B 169 4.50 8.63 -7.56
C VAL B 169 5.75 7.82 -7.28
N LYS B 170 5.83 6.64 -7.90
CA LYS B 170 6.88 5.65 -7.66
C LYS B 170 7.92 5.82 -8.76
N ILE B 171 8.57 6.98 -8.75
CA ILE B 171 9.66 7.26 -9.65
C ILE B 171 10.79 7.68 -8.74
N ARG B 172 11.90 6.98 -8.85
CA ARG B 172 13.05 7.23 -7.99
C ARG B 172 13.79 8.48 -8.41
N ALA B 173 14.20 9.26 -7.43
CA ALA B 173 14.85 10.54 -7.71
C ALA B 173 16.17 10.39 -8.45
N GLU B 174 16.98 9.38 -8.13
CA GLU B 174 18.27 9.24 -8.84
C GLU B 174 18.03 8.92 -10.32
N GLU B 175 16.99 8.14 -10.61
CA GLU B 175 16.68 7.83 -12.01
C GLU B 175 16.23 9.10 -12.74
N LEU B 176 15.42 9.92 -12.08
CA LEU B 176 14.96 11.20 -12.64
C LEU B 176 16.13 12.14 -12.92
N LEU B 177 17.09 12.18 -12.01
CA LEU B 177 18.26 13.07 -12.16
C LEU B 177 19.23 12.68 -13.26
N ASP B 178 19.24 11.40 -13.63
CA ASP B 178 20.20 10.87 -14.60
C ASP B 178 20.00 11.55 -15.98
N GLY B 179 20.96 12.39 -16.37
CA GLY B 179 20.89 13.14 -17.63
C GLY B 179 19.83 14.23 -17.67
N ILE B 180 19.35 14.65 -16.51
CA ILE B 180 18.27 15.62 -16.44
C ILE B 180 18.59 16.95 -17.13
N LEU B 181 19.83 17.41 -17.07
CA LEU B 181 20.17 18.71 -17.65
C LEU B 181 19.95 18.78 -19.15
N ASP B 182 20.04 17.65 -19.84
CA ASP B 182 19.72 17.60 -21.27
C ASP B 182 18.27 17.95 -21.59
N LYS B 183 17.35 17.69 -20.65
CA LYS B 183 15.93 18.00 -20.83
C LYS B 183 15.50 19.27 -20.10
N ILE B 184 16.10 19.55 -18.95
CA ILE B 184 15.73 20.68 -18.11
C ILE B 184 16.99 21.49 -17.84
N PRO B 185 17.35 22.40 -18.77
CA PRO B 185 18.64 23.04 -18.62
C PRO B 185 18.82 23.91 -17.38
N THR B 186 17.71 24.35 -16.75
CA THR B 186 17.75 25.10 -15.50
C THR B 186 17.78 24.25 -14.21
N PHE B 187 17.84 22.93 -14.34
CA PHE B 187 17.80 22.04 -13.17
C PHE B 187 18.99 22.30 -12.26
N GLN B 188 18.74 22.58 -10.99
CA GLN B 188 19.82 22.83 -10.04
C GLN B 188 19.74 22.04 -8.74
N GLY B 189 18.76 21.14 -8.61
CA GLY B 189 18.76 20.28 -7.44
C GLY B 189 17.45 19.65 -7.06
N LEU B 190 17.46 19.12 -5.85
CA LEU B 190 16.44 18.19 -5.38
C LEU B 190 16.09 18.50 -3.94
N LYS B 191 14.80 18.54 -3.64
CA LYS B 191 14.29 18.46 -2.29
C LYS B 191 13.79 17.01 -2.12
N PHE B 192 14.44 16.24 -1.26
CA PHE B 192 14.20 14.80 -1.13
C PHE B 192 13.52 14.47 0.19
N SER B 193 12.18 14.35 0.16
CA SER B 193 11.40 14.05 1.37
CA SER B 193 11.41 14.06 1.37
C SER B 193 10.99 12.59 1.34
N ASP B 194 11.93 11.73 1.72
CA ASP B 194 11.80 10.28 1.59
C ASP B 194 12.92 9.72 2.46
N THR B 195 12.74 8.55 3.02
CA THR B 195 13.81 7.97 3.85
C THR B 195 14.68 6.93 3.12
N ASP B 196 14.49 6.77 1.82
CA ASP B 196 15.28 5.79 1.07
C ASP B 196 16.63 6.41 0.76
N LEU B 197 17.67 6.07 1.54
CA LEU B 197 18.97 6.68 1.38
C LEU B 197 19.86 5.96 0.37
N LEU B 198 19.38 4.85 -0.21
CA LEU B 198 20.01 4.32 -1.44
C LEU B 198 19.70 5.29 -2.58
N ASP B 199 18.43 5.64 -2.74
CA ASP B 199 18.02 6.60 -3.73
C ASP B 199 18.76 7.94 -3.50
N PHE B 200 18.66 8.50 -2.30
CA PHE B 200 19.29 9.79 -2.04
C PHE B 200 20.81 9.74 -2.19
N GLY B 201 21.41 8.69 -1.65
CA GLY B 201 22.83 8.51 -1.76
C GLY B 201 23.31 8.49 -3.21
N GLN B 202 22.60 7.75 -4.03
CA GLN B 202 22.96 7.67 -5.45
C GLN B 202 22.67 8.96 -6.22
N CYS B 203 21.71 9.77 -5.74
CA CYS B 203 21.57 11.13 -6.29
C CYS B 203 22.87 11.91 -6.13
N VAL B 204 23.40 11.88 -4.92
CA VAL B 204 24.66 12.56 -4.58
C VAL B 204 25.83 11.95 -5.34
N ASP B 205 25.95 10.63 -5.25
CA ASP B 205 27.12 9.90 -5.79
C ASP B 205 27.22 9.98 -7.32
N GLN B 206 26.09 9.91 -8.00
CA GLN B 206 26.06 9.87 -9.48
C GLN B 206 26.08 11.26 -10.14
N ASN B 207 25.96 12.33 -9.35
CA ASN B 207 25.85 13.67 -9.92
C ASN B 207 26.82 14.61 -9.22
N ARG B 208 28.10 14.27 -9.37
CA ARG B 208 29.18 15.02 -8.74
C ARG B 208 29.62 16.29 -9.46
N GLN B 209 29.45 16.33 -10.78
CA GLN B 209 29.93 17.46 -11.59
C GLN B 209 28.92 18.58 -11.82
N GLN B 210 27.63 18.32 -11.53
CA GLN B 210 26.55 19.21 -11.99
C GLN B 210 26.25 20.40 -11.06
N GLN B 211 26.91 20.45 -9.90
CA GLN B 211 26.75 21.53 -8.91
C GLN B 211 25.34 21.60 -8.28
N PHE B 212 24.72 20.43 -8.08
CA PHE B 212 23.34 20.38 -7.58
C PHE B 212 23.24 20.59 -6.07
N ALA B 213 22.12 21.16 -5.65
CA ALA B 213 21.74 21.15 -4.24
C ALA B 213 21.05 19.81 -3.96
N PHE B 214 21.51 19.11 -2.93
CA PHE B 214 20.88 17.87 -2.49
C PHE B 214 20.30 18.14 -1.12
N LEU B 215 19.04 18.59 -1.11
CA LEU B 215 18.42 19.07 0.11
C LEU B 215 17.54 17.97 0.67
N PHE B 216 17.83 17.55 1.90
CA PHE B 216 17.06 16.49 2.52
C PHE B 216 15.83 17.02 3.23
N GLY B 217 14.74 16.26 3.14
CA GLY B 217 13.42 16.75 3.55
C GLY B 217 12.80 16.10 4.79
N VAL B 218 13.52 15.20 5.46
CA VAL B 218 12.95 14.50 6.62
C VAL B 218 13.71 14.95 7.85
N ASP B 219 13.20 16.03 8.45
CA ASP B 219 13.95 16.77 9.48
C ASP B 219 14.45 15.87 10.61
N GLU B 220 13.58 14.95 11.02
CA GLU B 220 13.83 14.05 12.16
C GLU B 220 14.97 13.06 11.95
N GLN B 221 15.51 12.96 10.73
CA GLN B 221 16.70 12.15 10.51
C GLN B 221 17.71 12.84 9.60
N LEU B 222 17.82 14.16 9.76
CA LEU B 222 18.72 14.94 8.94
C LEU B 222 20.17 14.48 9.05
N LEU B 223 20.63 14.16 10.26
CA LEU B 223 22.03 13.78 10.45
C LEU B 223 22.40 12.56 9.58
N SER B 224 21.49 11.61 9.49
CA SER B 224 21.68 10.43 8.62
C SER B 224 21.85 10.80 7.13
N ALA B 225 21.18 11.85 6.69
CA ALA B 225 21.34 12.37 5.34
C ALA B 225 22.62 13.18 5.16
N LEU B 226 23.00 13.94 6.20
CA LEU B 226 24.27 14.65 6.17
C LEU B 226 25.44 13.68 5.95
N VAL B 227 25.41 12.53 6.63
CA VAL B 227 26.51 11.55 6.46
C VAL B 227 26.48 10.97 5.05
N MET B 228 25.31 10.98 4.40
CA MET B 228 25.17 10.54 3.00
C MET B 228 25.39 11.62 1.94
N GLY B 229 25.79 12.82 2.35
CA GLY B 229 26.21 13.85 1.43
C GLY B 229 25.18 14.95 1.15
N ALA B 230 24.12 15.03 1.96
CA ALA B 230 23.19 16.16 1.83
C ALA B 230 23.95 17.48 1.94
N THR B 231 23.57 18.45 1.11
CA THR B 231 24.18 19.78 1.11
C THR B 231 23.32 20.81 1.85
N GLY B 232 22.17 20.38 2.36
CA GLY B 232 21.29 21.26 3.09
C GLY B 232 20.03 20.50 3.41
N ALA B 233 19.01 21.22 3.88
CA ALA B 233 17.79 20.60 4.33
C ALA B 233 16.64 21.55 4.07
N VAL B 234 15.48 21.00 3.72
CA VAL B 234 14.27 21.80 3.58
C VAL B 234 13.25 21.15 4.48
N GLY B 235 12.63 21.93 5.35
CA GLY B 235 11.70 21.34 6.30
C GLY B 235 10.93 22.34 7.12
N SER B 236 9.90 21.82 7.77
CA SER B 236 9.01 22.63 8.59
C SER B 236 9.59 22.93 9.95
N THR B 237 10.41 22.04 10.52
CA THR B 237 10.88 22.27 11.88
C THR B 237 11.85 23.45 11.96
N TYR B 238 12.44 23.86 10.84
CA TYR B 238 13.44 24.94 10.87
C TYR B 238 12.83 26.31 11.16
N ASN B 239 11.52 26.42 11.00
CA ASN B 239 10.76 27.58 11.43
C ASN B 239 10.93 27.90 12.90
N TYR B 240 11.02 26.87 13.74
CA TYR B 240 11.07 27.06 15.21
C TYR B 240 12.21 26.29 15.92
N LEU B 241 12.94 25.42 15.20
CA LEU B 241 14.09 24.70 15.72
C LEU B 241 15.32 24.96 14.86
N GLY B 242 15.29 26.02 14.05
CA GLY B 242 16.40 26.32 13.14
C GLY B 242 17.69 26.61 13.88
N LYS B 243 17.60 27.30 15.00
CA LYS B 243 18.79 27.61 15.80
C LYS B 243 19.44 26.32 16.33
N LYS B 244 18.63 25.42 16.90
CA LYS B 244 19.13 24.12 17.36
C LYS B 244 19.67 23.26 16.20
N THR B 245 18.98 23.28 15.07
CA THR B 245 19.43 22.51 13.91
C THR B 245 20.73 23.07 13.36
N ASN B 246 20.85 24.39 13.33
CA ASN B 246 22.12 25.01 12.91
C ASN B 246 23.28 24.62 13.81
N GLN B 247 23.03 24.47 15.11
CA GLN B 247 24.08 23.94 16.01
C GLN B 247 24.52 22.53 15.60
N MET B 248 23.57 21.70 15.21
CA MET B 248 23.90 20.38 14.66
C MET B 248 24.72 20.48 13.38
N LEU B 249 24.32 21.34 12.46
CA LEU B 249 25.05 21.51 11.20
C LEU B 249 26.49 21.98 11.47
N GLU B 250 26.62 22.92 12.39
CA GLU B 250 27.94 23.45 12.74
C GLU B 250 28.80 22.37 13.44
N ALA B 251 28.20 21.57 14.31
CA ALA B 251 28.92 20.43 14.90
C ALA B 251 29.43 19.45 13.84
N PHE B 252 28.56 19.15 12.88
CA PHE B 252 28.95 18.32 11.75
C PHE B 252 30.10 18.92 10.92
N GLU B 253 30.02 20.21 10.61
CA GLU B 253 31.08 20.93 9.90
C GLU B 253 32.42 20.86 10.63
N GLN B 254 32.38 20.97 11.95
CA GLN B 254 33.59 20.92 12.78
C GLN B 254 34.08 19.49 13.02
N LYS B 255 33.34 18.51 12.54
CA LYS B 255 33.60 17.09 12.78
C LYS B 255 33.50 16.74 14.25
N ASP B 256 32.63 17.45 14.96
CA ASP B 256 32.22 17.03 16.30
C ASP B 256 30.98 16.17 16.15
N PHE B 257 31.19 14.94 15.68
CA PHE B 257 30.08 14.08 15.30
C PHE B 257 29.30 13.57 16.51
N SER B 258 29.96 13.42 17.65
CA SER B 258 29.28 13.04 18.88
C SER B 258 28.30 14.11 19.33
N LEU B 259 28.72 15.36 19.23
CA LEU B 259 27.86 16.49 19.56
C LEU B 259 26.70 16.59 18.57
N ALA B 260 26.99 16.42 17.28
CA ALA B 260 25.94 16.45 16.26
C ALA B 260 24.85 15.40 16.54
N LEU B 261 25.26 14.20 16.92
CA LEU B 261 24.32 13.13 17.24
C LEU B 261 23.49 13.48 18.48
N ASN B 262 24.14 14.00 19.51
CA ASN B 262 23.40 14.46 20.69
C ASN B 262 22.31 15.46 20.31
N TYR B 263 22.67 16.44 19.47
CA TYR B 263 21.69 17.40 19.00
C TYR B 263 20.58 16.76 18.19
N GLN B 264 20.94 15.85 17.29
CA GLN B 264 19.91 15.15 16.52
C GLN B 264 18.94 14.41 17.42
N PHE B 265 19.47 13.76 18.46
CA PHE B 265 18.61 12.98 19.35
C PHE B 265 17.64 13.88 20.11
N CYS B 266 18.10 15.06 20.53
N CYS B 266 18.10 15.06 20.53
CA CYS B 266 17.23 16.03 21.21
CA CYS B 266 17.22 16.00 21.22
C CYS B 266 16.05 16.42 20.33
C CYS B 266 16.04 16.42 20.33
N ILE B 267 16.34 16.69 19.06
CA ILE B 267 15.31 16.98 18.07
C ILE B 267 14.38 15.78 17.87
N GLN B 268 14.94 14.58 17.75
CA GLN B 268 14.13 13.37 17.62
C GLN B 268 13.21 13.18 18.82
N ARG B 269 13.67 13.52 20.02
CA ARG B 269 12.82 13.32 21.20
C ARG B 269 11.56 14.20 21.12
N PHE B 270 11.72 15.42 20.65
CA PHE B 270 10.56 16.28 20.39
C PHE B 270 9.65 15.73 19.28
N ILE B 271 10.25 15.42 18.13
CA ILE B 271 9.44 15.03 16.98
C ILE B 271 8.69 13.74 17.26
N ASN B 272 9.34 12.77 17.87
CA ASN B 272 8.70 11.49 18.14
C ASN B 272 7.51 11.67 19.08
N PHE B 273 7.68 12.57 20.05
CA PHE B 273 6.63 12.89 21.01
C PHE B 273 5.40 13.41 20.30
N VAL B 274 5.57 14.39 19.41
CA VAL B 274 4.43 14.94 18.69
C VAL B 274 3.87 14.01 17.62
N VAL B 275 4.73 13.23 16.95
CA VAL B 275 4.25 12.23 15.96
C VAL B 275 3.26 11.26 16.62
N LYS B 276 3.59 10.81 17.83
CA LYS B 276 2.70 9.91 18.59
C LYS B 276 1.32 10.50 18.86
N LEU B 277 1.24 11.80 19.08
CA LEU B 277 -0.03 12.51 19.30
C LEU B 277 -0.84 12.79 18.03
N GLY B 278 -0.18 12.79 16.88
CA GLY B 278 -0.80 13.21 15.61
C GLY B 278 -0.18 14.53 15.17
N PHE B 279 0.70 14.47 14.18
CA PHE B 279 1.57 15.61 13.84
C PHE B 279 1.60 15.86 12.34
N GLY B 280 0.90 16.90 11.94
CA GLY B 280 0.87 17.35 10.55
C GLY B 280 0.95 18.85 10.46
N VAL B 281 0.54 19.37 9.32
CA VAL B 281 0.69 20.77 9.01
C VAL B 281 -0.03 21.68 10.01
N SER B 282 -1.25 21.33 10.40
N SER B 282 -1.24 21.33 10.39
CA SER B 282 -1.99 22.08 11.41
CA SER B 282 -1.99 22.09 11.38
C SER B 282 -1.20 22.25 12.70
C SER B 282 -1.23 22.23 12.70
N GLN B 283 -0.59 21.15 13.13
CA GLN B 283 0.19 21.13 14.36
C GLN B 283 1.45 22.00 14.24
N THR B 284 2.08 21.95 13.07
CA THR B 284 3.20 22.86 12.79
C THR B 284 2.80 24.32 12.91
N LYS B 285 1.61 24.67 12.41
CA LYS B 285 1.15 26.05 12.51
C LYS B 285 1.01 26.45 13.96
N ALA B 286 0.40 25.57 14.76
CA ALA B 286 0.18 25.82 16.19
C ALA B 286 1.49 25.95 16.94
N ILE B 287 2.46 25.08 16.61
CA ILE B 287 3.78 25.09 17.26
C ILE B 287 4.54 26.37 16.92
N MET B 288 4.48 26.79 15.66
CA MET B 288 5.15 28.03 15.26
C MET B 288 4.56 29.24 16.00
N THR B 289 3.23 29.29 16.11
CA THR B 289 2.57 30.38 16.83
C THR B 289 3.08 30.43 18.27
N LEU B 290 3.13 29.27 18.90
CA LEU B 290 3.60 29.11 20.26
C LEU B 290 5.02 29.58 20.48
N VAL B 291 5.94 29.10 19.64
CA VAL B 291 7.37 29.39 19.81
C VAL B 291 7.72 30.80 19.39
N SER B 292 7.19 31.25 18.24
CA SER B 292 7.55 32.54 17.68
C SER B 292 6.77 33.73 18.25
N GLY B 293 5.57 33.48 18.79
CA GLY B 293 4.63 34.54 19.12
C GLY B 293 3.98 35.26 17.95
N ILE B 294 4.22 34.79 16.72
CA ILE B 294 3.65 35.39 15.52
C ILE B 294 2.43 34.53 15.21
N PRO B 295 1.25 35.16 14.99
CA PRO B 295 0.03 34.37 14.81
C PRO B 295 -0.05 33.75 13.42
N MET B 296 0.13 32.43 13.34
CA MET B 296 -0.02 31.72 12.08
C MET B 296 -1.48 31.50 11.74
N GLY B 297 -2.37 31.53 12.75
CA GLY B 297 -3.80 31.37 12.52
C GLY B 297 -4.18 29.93 12.25
N PRO B 298 -5.45 29.70 11.87
CA PRO B 298 -5.89 28.34 11.60
C PRO B 298 -5.39 27.87 10.24
N PRO B 299 -5.42 26.55 10.02
CA PRO B 299 -5.20 26.02 8.68
C PRO B 299 -6.51 26.05 7.90
N ARG B 300 -6.40 25.81 6.59
CA ARG B 300 -7.55 25.72 5.71
C ARG B 300 -8.02 24.28 5.61
N LEU B 301 -9.34 24.08 5.51
CA LEU B 301 -9.87 22.75 5.22
C LEU B 301 -9.19 22.25 3.95
N PRO B 302 -8.83 20.97 3.89
CA PRO B 302 -9.29 19.90 4.76
C PRO B 302 -8.45 19.64 6.02
N LEU B 303 -7.55 20.55 6.38
CA LEU B 303 -6.87 20.48 7.67
C LEU B 303 -7.79 21.03 8.74
N GLN B 304 -7.55 20.59 9.97
CA GLN B 304 -8.28 21.06 11.13
C GLN B 304 -7.32 21.64 12.14
N LYS B 305 -7.68 22.79 12.70
CA LYS B 305 -6.91 23.45 13.75
C LYS B 305 -6.46 22.45 14.83
N ALA B 306 -5.21 22.57 15.26
CA ALA B 306 -4.66 21.70 16.28
C ALA B 306 -5.40 21.94 17.60
N SER B 307 -5.47 20.91 18.44
CA SER B 307 -6.19 21.00 19.72
C SER B 307 -5.39 21.77 20.78
N ARG B 308 -6.11 22.29 21.78
CA ARG B 308 -5.50 22.89 22.95
C ARG B 308 -4.61 21.89 23.68
N GLU B 309 -5.08 20.67 23.84
CA GLU B 309 -4.33 19.58 24.49
C GLU B 309 -3.00 19.32 23.76
N PHE B 310 -3.07 19.20 22.42
CA PHE B 310 -1.85 19.03 21.63
C PHE B 310 -0.85 20.18 21.85
N THR B 311 -1.32 21.42 21.75
CA THR B 311 -0.44 22.57 21.84
C THR B 311 0.22 22.68 23.22
N ASP B 312 -0.56 22.44 24.28
CA ASP B 312 -0.01 22.41 25.65
C ASP B 312 1.04 21.32 25.84
N SER B 313 0.76 20.13 25.31
CA SER B 313 1.70 19.02 25.37
C SER B 313 3.01 19.35 24.65
N ALA B 314 2.90 19.91 23.44
CA ALA B 314 4.07 20.29 22.65
C ALA B 314 4.90 21.33 23.39
N GLU B 315 4.22 22.34 23.94
CA GLU B 315 4.87 23.37 24.76
C GLU B 315 5.65 22.76 25.91
N ALA B 316 5.01 21.87 26.66
CA ALA B 316 5.65 21.26 27.82
C ALA B 316 6.87 20.42 27.42
N LYS B 317 6.76 19.73 26.27
CA LYS B 317 7.89 18.97 25.76
C LYS B 317 9.03 19.88 25.34
N LEU B 318 8.72 20.95 24.60
CA LEU B 318 9.74 21.88 24.15
C LEU B 318 10.48 22.51 25.33
N LYS B 319 9.74 22.88 26.38
CA LYS B 319 10.36 23.45 27.57
C LYS B 319 11.27 22.43 28.24
N SER B 320 10.81 21.18 28.35
CA SER B 320 11.58 20.12 29.01
C SER B 320 12.90 19.79 28.30
N LEU B 321 12.94 20.02 26.98
CA LEU B 321 14.15 19.86 26.18
C LEU B 321 14.98 21.13 26.02
N ASP B 322 14.59 22.21 26.70
CA ASP B 322 15.24 23.53 26.56
C ASP B 322 15.25 24.06 25.12
N PHE B 323 14.18 23.76 24.37
CA PHE B 323 13.91 24.39 23.08
C PHE B 323 13.01 25.61 23.23
N LEU B 324 12.40 25.75 24.41
CA LEU B 324 11.54 26.87 24.75
C LEU B 324 11.80 27.16 26.23
N SER B 325 11.62 28.41 26.64
CA SER B 325 11.96 28.84 28.00
C SER B 325 10.84 28.53 29.00
N PHE B 326 11.20 28.20 30.23
CA PHE B 326 10.24 28.10 31.34
C PHE B 326 9.88 29.50 31.83
N LYS C 25 -34.41 12.87 -11.17
CA LYS C 25 -33.62 11.68 -10.73
C LYS C 25 -32.50 11.34 -11.72
N LEU C 26 -31.24 11.51 -11.31
CA LEU C 26 -30.07 11.12 -12.10
C LEU C 26 -30.00 9.59 -12.12
N GLN C 27 -30.20 8.98 -13.29
CA GLN C 27 -30.29 7.52 -13.42
C GLN C 27 -29.77 6.96 -14.77
N GLY C 28 -29.50 5.67 -14.80
CA GLY C 28 -28.96 5.03 -16.01
C GLY C 28 -27.49 5.37 -16.19
N LEU C 29 -27.01 5.28 -17.42
CA LEU C 29 -25.60 5.52 -17.72
C LEU C 29 -25.30 7.01 -17.75
N VAL C 30 -24.14 7.36 -17.19
CA VAL C 30 -23.63 8.71 -17.19
C VAL C 30 -22.21 8.58 -17.75
N ALA C 31 -21.96 9.18 -18.91
CA ALA C 31 -20.63 9.17 -19.47
C ALA C 31 -19.75 10.15 -18.73
N ALA C 32 -18.61 9.67 -18.22
CA ALA C 32 -17.55 10.56 -17.76
C ALA C 32 -16.86 11.08 -19.00
N THR C 33 -17.13 12.33 -19.35
CA THR C 33 -16.72 12.86 -20.64
C THR C 33 -15.24 13.19 -20.73
N ILE C 34 -14.69 12.95 -21.93
CA ILE C 34 -13.33 13.32 -22.30
C ILE C 34 -13.31 14.82 -22.63
N THR C 35 -12.18 15.49 -22.36
CA THR C 35 -11.99 16.89 -22.77
C THR C 35 -11.23 16.90 -24.07
N PRO C 36 -11.96 17.16 -25.20
CA PRO C 36 -11.23 17.21 -26.47
C PRO C 36 -10.23 18.34 -26.47
N MET C 37 -9.05 18.08 -27.05
CA MET C 37 -8.01 19.08 -27.12
C MET C 37 -7.51 19.23 -28.54
N THR C 38 -7.05 20.43 -28.85
CA THR C 38 -6.36 20.70 -30.11
C THR C 38 -4.96 20.07 -30.02
N GLU C 39 -4.28 19.93 -31.15
CA GLU C 39 -2.92 19.38 -31.12
C GLU C 39 -1.96 20.24 -30.27
N ASN C 40 -2.18 21.55 -30.21
CA ASN C 40 -1.38 22.45 -29.38
C ASN C 40 -1.75 22.43 -27.89
N GLY C 41 -2.75 21.64 -27.52
CA GLY C 41 -3.05 21.38 -26.11
C GLY C 41 -4.17 22.19 -25.49
N GLU C 42 -4.78 23.09 -26.27
CA GLU C 42 -5.91 23.87 -25.80
C GLU C 42 -7.19 23.05 -25.94
N ILE C 43 -8.22 23.45 -25.23
CA ILE C 43 -9.48 22.72 -25.30
C ILE C 43 -10.14 22.96 -26.66
N ASN C 44 -10.53 21.87 -27.31
CA ASN C 44 -11.21 21.98 -28.60
C ASN C 44 -12.70 22.04 -28.37
N PHE C 45 -13.19 23.24 -28.06
CA PHE C 45 -14.61 23.41 -27.77
C PHE C 45 -15.49 23.07 -28.96
N SER C 46 -14.96 23.22 -30.18
CA SER C 46 -15.75 23.14 -31.39
C SER C 46 -16.41 21.77 -31.62
N VAL C 47 -15.83 20.70 -31.06
CA VAL C 47 -16.36 19.35 -31.27
C VAL C 47 -17.26 18.85 -30.14
N ILE C 48 -17.49 19.66 -29.11
CA ILE C 48 -18.31 19.22 -27.98
C ILE C 48 -19.78 19.00 -28.39
N GLY C 49 -20.33 19.87 -29.24
CA GLY C 49 -21.68 19.65 -29.74
C GLY C 49 -21.83 18.30 -30.44
N GLN C 50 -20.88 17.99 -31.31
CA GLN C 50 -20.83 16.73 -32.03
C GLN C 50 -20.72 15.56 -31.07
N TYR C 51 -19.90 15.73 -30.05
CA TYR C 51 -19.72 14.72 -29.01
C TYR C 51 -21.04 14.47 -28.26
N VAL C 52 -21.75 15.54 -27.86
CA VAL C 52 -23.06 15.37 -27.20
C VAL C 52 -24.02 14.59 -28.09
N ASP C 53 -24.11 14.99 -29.36
CA ASP C 53 -25.00 14.30 -30.32
C ASP C 53 -24.68 12.82 -30.47
N TYR C 54 -23.38 12.53 -30.51
CA TYR C 54 -22.87 11.16 -30.61
C TYR C 54 -23.26 10.34 -29.39
N LEU C 55 -23.11 10.90 -28.20
CA LEU C 55 -23.51 10.20 -26.98
C LEU C 55 -24.99 9.82 -27.00
N VAL C 56 -25.83 10.79 -27.33
CA VAL C 56 -27.30 10.59 -27.36
C VAL C 56 -27.71 9.61 -28.46
N LYS C 57 -27.22 9.82 -29.68
CA LYS C 57 -27.66 9.05 -30.85
C LYS C 57 -27.01 7.66 -30.95
N GLU C 58 -25.69 7.61 -30.83
CA GLU C 58 -24.93 6.37 -31.05
C GLU C 58 -24.72 5.53 -29.79
N GLN C 59 -24.61 6.16 -28.63
CA GLN C 59 -24.37 5.43 -27.39
C GLN C 59 -25.58 5.27 -26.47
N GLY C 60 -26.67 6.01 -26.73
CA GLY C 60 -27.83 5.98 -25.85
C GLY C 60 -27.58 6.49 -24.45
N VAL C 61 -26.64 7.43 -24.35
CA VAL C 61 -26.24 7.98 -23.09
C VAL C 61 -26.84 9.37 -22.96
N LYS C 62 -27.63 9.57 -21.92
CA LYS C 62 -28.41 10.79 -21.73
C LYS C 62 -27.89 11.70 -20.62
N ASN C 63 -26.81 11.29 -19.95
CA ASN C 63 -26.26 12.04 -18.83
C ASN C 63 -24.75 12.07 -18.99
N ILE C 64 -24.15 13.18 -18.55
CA ILE C 64 -22.69 13.30 -18.52
C ILE C 64 -22.16 13.81 -17.19
N PHE C 65 -20.89 13.47 -16.91
CA PHE C 65 -20.14 13.81 -15.69
C PHE C 65 -18.87 14.44 -16.21
N VAL C 66 -18.76 15.76 -16.01
CA VAL C 66 -17.80 16.61 -16.69
C VAL C 66 -16.64 16.89 -15.77
N ASN C 67 -15.43 16.83 -16.33
CA ASN C 67 -14.21 17.18 -15.61
C ASN C 67 -13.87 16.23 -14.45
N GLY C 68 -14.21 14.96 -14.61
CA GLY C 68 -13.66 13.91 -13.74
C GLY C 68 -12.25 13.54 -14.21
N THR C 69 -11.73 12.39 -13.76
CA THR C 69 -10.44 11.93 -14.25
C THR C 69 -10.42 11.77 -15.78
N THR C 70 -11.51 11.28 -16.35
CA THR C 70 -11.58 11.01 -17.79
C THR C 70 -11.52 12.31 -18.56
N GLY C 71 -12.08 13.37 -17.99
CA GLY C 71 -12.02 14.70 -18.56
C GLY C 71 -10.74 15.47 -18.23
N GLU C 72 -9.77 14.81 -17.61
CA GLU C 72 -8.54 15.46 -17.16
C GLU C 72 -8.86 16.72 -16.34
N GLY C 73 -9.90 16.63 -15.52
CA GLY C 73 -10.50 17.82 -14.92
C GLY C 73 -9.53 18.67 -14.14
N LEU C 74 -8.74 18.03 -13.29
CA LEU C 74 -7.80 18.74 -12.45
C LEU C 74 -6.48 19.05 -13.16
N SER C 75 -6.31 18.61 -14.40
CA SER C 75 -5.22 19.12 -15.26
C SER C 75 -5.58 20.46 -15.90
N LEU C 76 -6.86 20.82 -15.89
CA LEU C 76 -7.32 22.07 -16.45
C LEU C 76 -7.26 23.16 -15.40
N SER C 77 -7.02 24.38 -15.84
CA SER C 77 -7.12 25.54 -14.97
C SER C 77 -8.56 25.80 -14.56
N VAL C 78 -8.73 26.54 -13.48
CA VAL C 78 -10.06 26.96 -13.09
C VAL C 78 -10.79 27.62 -14.27
N SER C 79 -10.12 28.52 -14.98
CA SER C 79 -10.75 29.21 -16.10
C SER C 79 -11.21 28.24 -17.19
N GLU C 80 -10.34 27.29 -17.55
CA GLU C 80 -10.67 26.26 -18.54
C GLU C 80 -11.87 25.42 -18.08
N ARG C 81 -11.92 25.12 -16.78
CA ARG C 81 -13.01 24.32 -16.23
C ARG C 81 -14.33 25.04 -16.35
N ARG C 82 -14.31 26.35 -16.09
CA ARG C 82 -15.50 27.19 -16.31
C ARG C 82 -15.92 27.16 -17.77
N GLN C 83 -14.96 27.39 -18.66
CA GLN C 83 -15.25 27.50 -20.09
C GLN C 83 -15.84 26.20 -20.65
N VAL C 84 -15.24 25.07 -20.29
CA VAL C 84 -15.69 23.82 -20.85
C VAL C 84 -17.03 23.40 -20.23
N ALA C 85 -17.25 23.71 -18.95
CA ALA C 85 -18.54 23.43 -18.32
C ALA C 85 -19.64 24.21 -19.04
N GLU C 86 -19.34 25.45 -19.41
CA GLU C 86 -20.29 26.24 -20.18
C GLU C 86 -20.65 25.58 -21.50
N GLU C 87 -19.64 25.09 -22.21
CA GLU C 87 -19.87 24.46 -23.51
C GLU C 87 -20.71 23.18 -23.35
N TRP C 88 -20.38 22.36 -22.35
CA TRP C 88 -21.15 21.14 -22.12
C TRP C 88 -22.61 21.41 -21.76
N VAL C 89 -22.84 22.36 -20.86
CA VAL C 89 -24.19 22.71 -20.44
C VAL C 89 -24.97 23.26 -21.63
N THR C 90 -24.37 24.16 -22.41
CA THR C 90 -25.06 24.75 -23.53
C THR C 90 -25.38 23.70 -24.60
N LYS C 91 -24.40 22.90 -24.97
CA LYS C 91 -24.62 21.88 -26.00
C LYS C 91 -25.51 20.72 -25.54
N GLY C 92 -25.62 20.53 -24.23
CA GLY C 92 -26.47 19.49 -23.66
C GLY C 92 -27.94 19.88 -23.56
N LYS C 93 -28.24 21.17 -23.69
CA LYS C 93 -29.60 21.67 -23.55
C LYS C 93 -30.54 21.00 -24.56
N ASP C 94 -31.66 20.51 -24.05
CA ASP C 94 -32.67 19.77 -24.84
C ASP C 94 -32.14 18.51 -25.53
N LYS C 95 -31.02 17.98 -25.06
CA LYS C 95 -30.41 16.78 -25.63
C LYS C 95 -30.06 15.78 -24.54
N LEU C 96 -29.31 16.24 -23.54
CA LEU C 96 -28.98 15.43 -22.39
C LEU C 96 -29.98 15.71 -21.30
N ASP C 97 -30.29 14.68 -20.52
CA ASP C 97 -31.17 14.81 -19.39
C ASP C 97 -30.46 15.54 -18.26
N GLN C 98 -29.20 15.19 -18.01
CA GLN C 98 -28.42 15.79 -16.91
C GLN C 98 -26.97 16.00 -17.27
N VAL C 99 -26.48 17.20 -16.93
CA VAL C 99 -25.07 17.55 -16.99
C VAL C 99 -24.61 17.82 -15.56
N ILE C 100 -23.69 16.97 -15.08
CA ILE C 100 -23.15 17.05 -13.74
C ILE C 100 -21.72 17.52 -13.86
N ILE C 101 -21.35 18.56 -13.13
CA ILE C 101 -20.01 19.12 -13.22
C ILE C 101 -19.24 18.67 -11.99
N HIS C 102 -18.13 17.98 -12.21
CA HIS C 102 -17.20 17.74 -11.14
C HIS C 102 -16.44 19.04 -10.85
N VAL C 103 -16.63 19.55 -9.63
CA VAL C 103 -16.03 20.82 -9.21
C VAL C 103 -14.95 20.65 -8.14
N GLY C 104 -14.56 19.41 -7.88
CA GLY C 104 -13.54 19.10 -6.90
C GLY C 104 -12.20 19.75 -7.26
N ALA C 105 -11.49 20.18 -6.24
CA ALA C 105 -10.17 20.76 -6.41
C ALA C 105 -9.45 20.63 -5.10
N LEU C 106 -8.13 20.74 -5.14
CA LEU C 106 -7.35 20.76 -3.90
C LEU C 106 -7.60 22.02 -3.07
N SER C 107 -7.89 23.13 -3.74
CA SER C 107 -8.17 24.40 -3.09
C SER C 107 -9.68 24.55 -2.89
N LEU C 108 -10.08 24.63 -1.62
CA LEU C 108 -11.48 24.88 -1.29
C LEU C 108 -12.00 26.12 -2.03
N LYS C 109 -11.21 27.18 -2.08
CA LYS C 109 -11.65 28.41 -2.77
C LYS C 109 -11.96 28.17 -4.25
N GLU C 110 -11.11 27.40 -4.90
CA GLU C 110 -11.34 27.08 -6.31
C GLU C 110 -12.58 26.20 -6.49
N SER C 111 -12.74 25.20 -5.63
N SER C 111 -12.75 25.21 -5.62
CA SER C 111 -13.95 24.35 -5.65
CA SER C 111 -13.94 24.36 -5.67
C SER C 111 -15.21 25.19 -5.47
C SER C 111 -15.22 25.18 -5.46
N GLN C 112 -15.18 26.12 -4.53
CA GLN C 112 -16.32 27.02 -4.31
C GLN C 112 -16.62 27.89 -5.53
N GLU C 113 -15.58 28.39 -6.21
CA GLU C 113 -15.79 29.18 -7.40
C GLU C 113 -16.49 28.34 -8.49
N LEU C 114 -16.00 27.13 -8.67
CA LEU C 114 -16.53 26.24 -9.69
C LEU C 114 -17.97 25.79 -9.39
N ALA C 115 -18.25 25.59 -8.11
CA ALA C 115 -19.61 25.24 -7.68
C ALA C 115 -20.58 26.37 -7.97
N GLN C 116 -20.22 27.58 -7.52
CA GLN C 116 -21.05 28.77 -7.80
C GLN C 116 -21.31 28.93 -9.30
N HIS C 117 -20.25 28.75 -10.09
CA HIS C 117 -20.35 28.86 -11.53
C HIS C 117 -21.30 27.81 -12.13
N ALA C 118 -21.18 26.57 -11.67
CA ALA C 118 -22.09 25.50 -12.13
C ALA C 118 -23.55 25.86 -11.87
N ALA C 119 -23.83 26.43 -10.71
CA ALA C 119 -25.18 26.90 -10.41
C ALA C 119 -25.60 28.04 -11.35
N GLU C 120 -24.71 29.00 -11.57
CA GLU C 120 -24.99 30.15 -12.45
C GLU C 120 -25.35 29.75 -13.86
N ILE C 121 -24.66 28.75 -14.41
CA ILE C 121 -24.91 28.30 -15.79
C ILE C 121 -26.05 27.29 -15.92
N GLY C 122 -26.59 26.82 -14.79
CA GLY C 122 -27.69 25.86 -14.80
C GLY C 122 -27.29 24.45 -15.13
N ALA C 123 -26.13 24.03 -14.65
CA ALA C 123 -25.81 22.61 -14.62
C ALA C 123 -26.85 21.89 -13.74
N ASP C 124 -27.03 20.61 -13.95
CA ASP C 124 -28.02 19.85 -13.19
C ASP C 124 -27.54 19.41 -11.82
N GLY C 125 -26.23 19.43 -11.61
CA GLY C 125 -25.67 19.05 -10.34
C GLY C 125 -24.16 19.23 -10.33
N ILE C 126 -23.59 19.09 -9.13
CA ILE C 126 -22.16 19.13 -8.94
C ILE C 126 -21.71 17.91 -8.19
N ALA C 127 -20.45 17.54 -8.44
CA ALA C 127 -19.83 16.45 -7.71
C ALA C 127 -18.49 16.91 -7.19
N VAL C 128 -18.06 16.31 -6.09
CA VAL C 128 -16.85 16.72 -5.39
C VAL C 128 -16.10 15.50 -4.89
N ILE C 129 -14.84 15.40 -5.31
CA ILE C 129 -13.89 14.42 -4.78
C ILE C 129 -13.29 14.98 -3.47
N ALA C 130 -12.91 14.09 -2.55
CA ALA C 130 -12.18 14.51 -1.36
C ALA C 130 -10.83 15.07 -1.78
N PRO C 131 -10.41 16.20 -1.18
CA PRO C 131 -9.06 16.70 -1.48
C PRO C 131 -8.01 15.71 -0.98
N PHE C 132 -6.95 15.53 -1.76
CA PHE C 132 -6.05 14.38 -1.62
C PHE C 132 -4.55 14.77 -1.58
N PHE C 133 -4.27 16.05 -1.32
CA PHE C 133 -2.90 16.62 -1.16
C PHE C 133 -2.59 16.45 0.34
N LEU C 134 -3.23 17.26 1.17
CA LEU C 134 -3.30 17.03 2.60
C LEU C 134 -4.67 16.40 2.85
N LYS C 135 -4.69 15.14 3.26
CA LYS C 135 -5.96 14.39 3.36
C LYS C 135 -6.72 14.80 4.62
N PRO C 136 -8.06 14.80 4.56
CA PRO C 136 -8.83 14.96 5.80
C PRO C 136 -8.56 13.82 6.79
N TRP C 137 -8.28 14.17 8.04
CA TRP C 137 -7.96 13.18 9.09
C TRP C 137 -9.19 12.37 9.50
N THR C 138 -10.37 12.98 9.39
CA THR C 138 -11.60 12.36 9.88
C THR C 138 -12.76 12.60 8.93
N LYS C 139 -13.80 11.81 9.10
CA LYS C 139 -15.08 12.01 8.44
C LYS C 139 -15.61 13.43 8.61
N ASP C 140 -15.66 13.91 9.85
CA ASP C 140 -16.24 15.23 10.12
C ASP C 140 -15.54 16.34 9.37
N ILE C 141 -14.22 16.27 9.32
CA ILE C 141 -13.41 17.26 8.61
C ILE C 141 -13.69 17.19 7.11
N LEU C 142 -13.76 15.98 6.55
CA LEU C 142 -14.11 15.85 5.14
C LEU C 142 -15.52 16.41 4.84
N ILE C 143 -16.50 16.07 5.68
CA ILE C 143 -17.84 16.60 5.48
C ILE C 143 -17.84 18.14 5.55
N ASN C 144 -17.02 18.71 6.43
CA ASN C 144 -16.94 20.17 6.54
C ASN C 144 -16.42 20.79 5.24
N PHE C 145 -15.42 20.16 4.63
CA PHE C 145 -14.96 20.59 3.30
C PHE C 145 -16.08 20.51 2.26
N LEU C 146 -16.74 19.35 2.21
CA LEU C 146 -17.82 19.12 1.25
C LEU C 146 -18.96 20.13 1.45
N LYS C 147 -19.34 20.36 2.70
CA LYS C 147 -20.42 21.28 3.05
C LYS C 147 -20.15 22.69 2.52
N GLU C 148 -18.90 23.14 2.65
CA GLU C 148 -18.50 24.48 2.22
C GLU C 148 -18.52 24.63 0.70
N VAL C 149 -18.25 23.53 -0.04
CA VAL C 149 -18.41 23.56 -1.49
C VAL C 149 -19.89 23.58 -1.85
N ALA C 150 -20.65 22.68 -1.24
CA ALA C 150 -22.08 22.56 -1.52
C ALA C 150 -22.79 23.89 -1.28
N ALA C 151 -22.36 24.61 -0.25
CA ALA C 151 -22.99 25.87 0.15
C ALA C 151 -22.79 26.99 -0.86
N ALA C 152 -21.76 26.87 -1.71
CA ALA C 152 -21.57 27.81 -2.82
C ALA C 152 -22.59 27.61 -3.96
N ALA C 153 -23.28 26.48 -3.96
CA ALA C 153 -24.33 26.18 -4.93
C ALA C 153 -25.52 25.62 -4.16
N PRO C 154 -26.12 26.46 -3.28
CA PRO C 154 -26.94 25.94 -2.16
C PRO C 154 -28.30 25.35 -2.51
N ALA C 155 -28.70 25.44 -3.78
CA ALA C 155 -29.88 24.76 -4.28
C ALA C 155 -29.58 23.70 -5.35
N LEU C 156 -28.29 23.43 -5.62
CA LEU C 156 -27.92 22.50 -6.67
C LEU C 156 -27.67 21.11 -6.07
N PRO C 157 -28.23 20.04 -6.68
CA PRO C 157 -27.91 18.69 -6.23
C PRO C 157 -26.41 18.44 -6.14
N PHE C 158 -26.01 17.83 -5.04
CA PHE C 158 -24.62 17.59 -4.72
C PHE C 158 -24.35 16.10 -4.62
N TYR C 159 -23.29 15.64 -5.30
CA TYR C 159 -22.92 14.23 -5.32
C TYR C 159 -21.48 14.05 -4.84
N TYR C 160 -21.26 13.10 -3.96
CA TYR C 160 -19.91 12.83 -3.46
C TYR C 160 -19.23 11.86 -4.41
N TYR C 161 -17.99 12.14 -4.79
CA TYR C 161 -17.20 11.26 -5.64
C TYR C 161 -16.24 10.48 -4.74
N HIS C 162 -16.62 9.23 -4.46
CA HIS C 162 -15.87 8.30 -3.64
C HIS C 162 -14.91 7.49 -4.53
N ILE C 163 -13.61 7.62 -4.29
CA ILE C 163 -12.61 6.99 -5.14
C ILE C 163 -11.33 6.80 -4.32
N PRO C 164 -11.39 5.90 -3.33
CA PRO C 164 -10.29 5.77 -2.37
C PRO C 164 -8.93 5.40 -2.95
N ALA C 165 -8.90 4.72 -4.10
CA ALA C 165 -7.62 4.38 -4.75
C ALA C 165 -6.88 5.62 -5.18
N LEU C 166 -7.61 6.65 -5.61
CA LEU C 166 -7.01 7.92 -6.01
C LEU C 166 -6.70 8.79 -4.79
N THR C 167 -7.65 8.91 -3.87
CA THR C 167 -7.55 9.89 -2.80
C THR C 167 -6.71 9.42 -1.61
N GLY C 168 -6.70 8.11 -1.38
CA GLY C 168 -6.11 7.54 -0.18
C GLY C 168 -6.92 7.77 1.08
N VAL C 169 -8.15 8.27 0.95
CA VAL C 169 -9.02 8.47 2.11
C VAL C 169 -9.75 7.16 2.28
N LYS C 170 -9.63 6.53 3.45
CA LYS C 170 -10.11 5.13 3.62
C LYS C 170 -11.45 4.98 4.32
N ILE C 171 -12.13 6.09 4.57
CA ILE C 171 -13.39 6.06 5.31
C ILE C 171 -14.46 5.44 4.40
N ARG C 172 -15.28 4.59 4.98
CA ARG C 172 -16.29 3.84 4.19
C ARG C 172 -17.35 4.86 3.74
N ALA C 173 -17.84 4.70 2.51
CA ALA C 173 -18.86 5.62 1.99
C ALA C 173 -20.13 5.59 2.82
N GLU C 174 -20.54 4.42 3.28
CA GLU C 174 -21.77 4.33 4.08
C GLU C 174 -21.64 5.18 5.36
N GLU C 175 -20.46 5.18 5.97
CA GLU C 175 -20.20 6.00 7.16
C GLU C 175 -20.24 7.49 6.81
N LEU C 176 -19.62 7.85 5.70
CA LEU C 176 -19.69 9.24 5.23
C LEU C 176 -21.12 9.71 4.99
N LEU C 177 -21.96 8.86 4.40
CA LEU C 177 -23.37 9.20 4.13
C LEU C 177 -24.25 9.28 5.39
N ASP C 178 -23.85 8.62 6.47
CA ASP C 178 -24.69 8.54 7.66
C ASP C 178 -24.91 9.94 8.23
N GLY C 179 -26.14 10.43 8.18
CA GLY C 179 -26.48 11.75 8.71
C GLY C 179 -26.05 12.92 7.83
N ILE C 180 -25.66 12.65 6.59
CA ILE C 180 -25.05 13.69 5.75
C ILE C 180 -26.00 14.85 5.43
N LEU C 181 -27.30 14.57 5.32
CA LEU C 181 -28.28 15.62 5.03
C LEU C 181 -28.36 16.72 6.08
N ASP C 182 -27.97 16.41 7.32
CA ASP C 182 -27.96 17.41 8.40
C ASP C 182 -26.93 18.51 8.16
N LYS C 183 -25.82 18.16 7.52
CA LYS C 183 -24.75 19.12 7.20
C LYS C 183 -24.78 19.58 5.74
N ILE C 184 -25.26 18.74 4.83
CA ILE C 184 -25.28 19.06 3.39
C ILE C 184 -26.69 18.82 2.87
N PRO C 185 -27.60 19.80 3.06
CA PRO C 185 -28.99 19.59 2.64
C PRO C 185 -29.23 19.34 1.16
N THR C 186 -28.27 19.71 0.30
CA THR C 186 -28.36 19.45 -1.13
C THR C 186 -27.83 18.08 -1.55
N PHE C 187 -27.34 17.27 -0.62
CA PHE C 187 -26.77 15.97 -0.96
C PHE C 187 -27.82 15.09 -1.63
N GLN C 188 -27.49 14.57 -2.81
CA GLN C 188 -28.41 13.74 -3.57
C GLN C 188 -27.84 12.41 -4.02
N GLY C 189 -26.61 12.08 -3.62
CA GLY C 189 -26.10 10.76 -3.87
C GLY C 189 -24.60 10.72 -4.03
N LEU C 190 -24.12 9.62 -4.61
CA LEU C 190 -22.69 9.43 -4.76
C LEU C 190 -22.36 8.64 -5.99
N LYS C 191 -21.14 8.88 -6.43
CA LYS C 191 -20.45 8.07 -7.40
C LYS C 191 -19.48 7.22 -6.60
N PHE C 192 -19.63 5.90 -6.70
CA PHE C 192 -18.88 4.95 -5.89
C PHE C 192 -17.91 4.21 -6.79
N SER C 193 -16.66 4.67 -6.78
CA SER C 193 -15.60 4.05 -7.58
CA SER C 193 -15.62 4.05 -7.58
C SER C 193 -14.70 3.22 -6.68
N ASP C 194 -15.16 2.02 -6.36
CA ASP C 194 -14.55 1.12 -5.38
C ASP C 194 -15.27 -0.20 -5.61
N THR C 195 -14.61 -1.32 -5.29
CA THR C 195 -15.20 -2.64 -5.50
C THR C 195 -15.74 -3.26 -4.22
N ASP C 196 -15.73 -2.53 -3.11
CA ASP C 196 -16.27 -3.04 -1.86
C ASP C 196 -17.79 -2.92 -1.88
N LEU C 197 -18.46 -4.01 -2.23
CA LEU C 197 -19.91 -4.00 -2.37
C LEU C 197 -20.67 -4.26 -1.07
N LEU C 198 -19.96 -4.57 0.02
CA LEU C 198 -20.56 -4.48 1.37
C LEU C 198 -20.83 -3.00 1.66
N ASP C 199 -19.83 -2.16 1.43
CA ASP C 199 -19.96 -0.73 1.59
C ASP C 199 -21.01 -0.15 0.64
N PHE C 200 -20.91 -0.46 -0.66
CA PHE C 200 -21.90 0.04 -1.61
C PHE C 200 -23.31 -0.44 -1.29
N GLY C 201 -23.44 -1.72 -1.01
CA GLY C 201 -24.70 -2.32 -0.65
C GLY C 201 -25.34 -1.62 0.54
N GLN C 202 -24.52 -1.33 1.54
CA GLN C 202 -25.04 -0.68 2.73
C GLN C 202 -25.33 0.78 2.53
N CYS C 203 -24.65 1.43 1.59
CA CYS C 203 -25.09 2.76 1.16
C CYS C 203 -26.53 2.72 0.69
N VAL C 204 -26.84 1.75 -0.16
CA VAL C 204 -28.18 1.61 -0.71
C VAL C 204 -29.17 1.23 0.40
N ASP C 205 -28.83 0.20 1.15
CA ASP C 205 -29.73 -0.39 2.15
C ASP C 205 -30.05 0.57 3.31
N GLN C 206 -29.05 1.34 3.76
CA GLN C 206 -29.23 2.21 4.92
C GLN C 206 -29.80 3.59 4.59
N ASN C 207 -30.03 3.88 3.31
CA ASN C 207 -30.51 5.20 2.89
C ASN C 207 -31.70 5.09 1.94
N ARG C 208 -32.73 4.38 2.40
CA ARG C 208 -33.93 4.11 1.59
C ARG C 208 -34.93 5.25 1.53
N GLN C 209 -35.06 6.00 2.62
CA GLN C 209 -36.01 7.12 2.66
C GLN C 209 -35.60 8.39 1.86
N GLN C 210 -34.31 8.54 1.51
CA GLN C 210 -33.79 9.83 1.01
C GLN C 210 -33.72 10.06 -0.52
N GLN C 211 -34.16 9.09 -1.33
CA GLN C 211 -34.19 9.23 -2.79
C GLN C 211 -32.81 9.55 -3.44
N PHE C 212 -31.74 8.96 -2.90
CA PHE C 212 -30.39 9.23 -3.41
C PHE C 212 -30.11 8.48 -4.71
N ALA C 213 -29.22 9.03 -5.52
CA ALA C 213 -28.62 8.31 -6.65
C ALA C 213 -27.42 7.51 -6.12
N PHE C 214 -27.41 6.21 -6.39
CA PHE C 214 -26.31 5.33 -6.01
C PHE C 214 -25.66 4.89 -7.30
N LEU C 215 -24.67 5.67 -7.73
CA LEU C 215 -24.09 5.52 -9.05
C LEU C 215 -22.78 4.76 -8.94
N PHE C 216 -22.69 3.65 -9.64
CA PHE C 216 -21.51 2.82 -9.57
C PHE C 216 -20.46 3.29 -10.57
N GLY C 217 -19.22 3.29 -10.14
CA GLY C 217 -18.11 3.85 -10.92
C GLY C 217 -17.12 2.88 -11.52
N VAL C 218 -17.28 1.57 -11.32
CA VAL C 218 -16.31 0.59 -11.84
C VAL C 218 -16.95 -0.15 -13.00
N ASP C 219 -16.78 0.39 -14.20
CA ASP C 219 -17.50 -0.06 -15.40
C ASP C 219 -17.39 -1.57 -15.61
N GLU C 220 -16.17 -2.08 -15.43
CA GLU C 220 -15.83 -3.46 -15.74
C GLU C 220 -16.57 -4.50 -14.88
N GLN C 221 -17.24 -4.06 -13.81
CA GLN C 221 -18.09 -4.98 -13.06
C GLN C 221 -19.43 -4.33 -12.71
N LEU C 222 -19.95 -3.49 -13.60
CA LEU C 222 -21.23 -2.83 -13.36
C LEU C 222 -22.37 -3.77 -12.96
N LEU C 223 -22.50 -4.90 -13.64
CA LEU C 223 -23.61 -5.81 -13.35
C LEU C 223 -23.62 -6.21 -11.87
N SER C 224 -22.44 -6.42 -11.31
CA SER C 224 -22.34 -6.81 -9.89
C SER C 224 -22.89 -5.74 -8.94
N ALA C 225 -22.82 -4.47 -9.33
CA ALA C 225 -23.40 -3.38 -8.54
C ALA C 225 -24.88 -3.18 -8.82
N LEU C 226 -25.29 -3.40 -10.07
CA LEU C 226 -26.72 -3.34 -10.40
C LEU C 226 -27.51 -4.28 -9.52
N VAL C 227 -27.01 -5.51 -9.31
CA VAL C 227 -27.79 -6.49 -8.52
C VAL C 227 -27.87 -6.07 -7.05
N MET C 228 -26.91 -5.27 -6.62
CA MET C 228 -26.87 -4.72 -5.27
C MET C 228 -27.61 -3.38 -5.11
N GLY C 229 -28.30 -2.91 -6.15
CA GLY C 229 -29.17 -1.73 -6.03
C GLY C 229 -28.65 -0.44 -6.64
N ALA C 230 -27.58 -0.50 -7.43
CA ALA C 230 -27.11 0.70 -8.14
C ALA C 230 -28.25 1.28 -8.98
N THR C 231 -28.40 2.60 -8.94
CA THR C 231 -29.45 3.30 -9.69
C THR C 231 -28.95 3.88 -11.00
N GLY C 232 -27.66 3.71 -11.25
CA GLY C 232 -27.01 4.21 -12.46
C GLY C 232 -25.52 3.95 -12.35
N ALA C 233 -24.78 4.50 -13.30
CA ALA C 233 -23.35 4.25 -13.39
C ALA C 233 -22.71 5.43 -14.04
N VAL C 234 -21.53 5.77 -13.55
CA VAL C 234 -20.76 6.84 -14.15
C VAL C 234 -19.43 6.24 -14.55
N GLY C 235 -19.05 6.41 -15.82
CA GLY C 235 -17.79 5.83 -16.25
C GLY C 235 -17.33 6.27 -17.62
N SER C 236 -16.08 5.96 -17.90
CA SER C 236 -15.43 6.34 -19.15
C SER C 236 -15.88 5.49 -20.32
N THR C 237 -16.20 4.23 -20.07
CA THR C 237 -16.44 3.31 -21.20
C THR C 237 -17.75 3.60 -21.90
N TYR C 238 -18.66 4.30 -21.23
CA TYR C 238 -20.00 4.56 -21.78
C TYR C 238 -19.92 5.57 -22.95
N ASN C 239 -18.80 6.29 -23.06
CA ASN C 239 -18.51 7.09 -24.25
C ASN C 239 -18.47 6.31 -25.58
N TYR C 240 -18.01 5.07 -25.53
CA TYR C 240 -17.82 4.24 -26.73
C TYR C 240 -18.40 2.81 -26.68
N LEU C 241 -18.80 2.34 -25.50
CA LEU C 241 -19.49 1.05 -25.32
C LEU C 241 -20.89 1.23 -24.74
N GLY C 242 -21.44 2.43 -24.86
CA GLY C 242 -22.75 2.73 -24.27
C GLY C 242 -23.86 1.86 -24.83
N LYS C 243 -23.82 1.57 -26.13
CA LYS C 243 -24.85 0.75 -26.74
C LYS C 243 -24.92 -0.66 -26.11
N LYS C 244 -23.76 -1.32 -26.02
CA LYS C 244 -23.68 -2.63 -25.41
C LYS C 244 -24.01 -2.56 -23.92
N THR C 245 -23.52 -1.53 -23.23
CA THR C 245 -23.81 -1.38 -21.82
C THR C 245 -25.30 -1.17 -21.57
N ASN C 246 -25.96 -0.39 -22.43
CA ASN C 246 -27.39 -0.21 -22.32
C ASN C 246 -28.15 -1.51 -22.56
N GLN C 247 -27.67 -2.35 -23.49
CA GLN C 247 -28.28 -3.68 -23.65
C GLN C 247 -28.17 -4.50 -22.37
N MET C 248 -27.01 -4.44 -21.71
CA MET C 248 -26.82 -5.10 -20.42
C MET C 248 -27.77 -4.55 -19.37
N LEU C 249 -27.87 -3.23 -19.30
CA LEU C 249 -28.76 -2.58 -18.35
C LEU C 249 -30.20 -2.99 -18.57
N GLU C 250 -30.63 -3.02 -19.83
CA GLU C 250 -32.00 -3.40 -20.19
C GLU C 250 -32.25 -4.86 -19.82
N ALA C 251 -31.28 -5.74 -20.09
CA ALA C 251 -31.44 -7.17 -19.71
C ALA C 251 -31.57 -7.28 -18.21
N PHE C 252 -30.74 -6.55 -17.48
CA PHE C 252 -30.85 -6.55 -16.03
C PHE C 252 -32.23 -6.08 -15.53
N GLU C 253 -32.71 -4.98 -16.09
CA GLU C 253 -34.00 -4.41 -15.69
C GLU C 253 -35.17 -5.35 -16.01
N GLN C 254 -35.07 -6.08 -17.12
CA GLN C 254 -36.07 -7.09 -17.52
C GLN C 254 -35.92 -8.45 -16.82
N LYS C 255 -34.87 -8.60 -15.99
CA LYS C 255 -34.57 -9.80 -15.20
C LYS C 255 -33.97 -10.93 -16.02
N ASP C 256 -33.39 -10.63 -17.18
CA ASP C 256 -32.71 -11.65 -17.98
C ASP C 256 -31.25 -11.64 -17.53
N PHE C 257 -30.97 -12.28 -16.41
CA PHE C 257 -29.62 -12.19 -15.81
C PHE C 257 -28.60 -13.00 -16.59
N SER C 258 -29.03 -14.06 -17.28
CA SER C 258 -28.11 -14.79 -18.12
C SER C 258 -27.59 -13.91 -19.24
N LEU C 259 -28.51 -13.21 -19.90
CA LEU C 259 -28.14 -12.31 -20.99
C LEU C 259 -27.35 -11.11 -20.46
N ALA C 260 -27.77 -10.54 -19.34
CA ALA C 260 -27.01 -9.44 -18.74
C ALA C 260 -25.54 -9.82 -18.52
N LEU C 261 -25.31 -11.05 -18.04
CA LEU C 261 -23.96 -11.49 -17.73
C LEU C 261 -23.18 -11.67 -19.02
N ASN C 262 -23.80 -12.26 -20.05
CA ASN C 262 -23.12 -12.41 -21.33
C ASN C 262 -22.72 -11.04 -21.93
N TYR C 263 -23.59 -10.05 -21.81
CA TYR C 263 -23.23 -8.71 -22.28
C TYR C 263 -22.13 -8.09 -21.42
N GLN C 264 -22.17 -8.29 -20.11
CA GLN C 264 -21.09 -7.84 -19.22
C GLN C 264 -19.77 -8.46 -19.61
N PHE C 265 -19.78 -9.76 -19.91
CA PHE C 265 -18.56 -10.44 -20.35
C PHE C 265 -18.00 -9.90 -21.66
N CYS C 266 -18.86 -9.51 -22.62
N CYS C 266 -18.85 -9.50 -22.60
CA CYS C 266 -18.41 -8.88 -23.86
CA CYS C 266 -18.38 -8.89 -23.85
C CYS C 266 -17.52 -7.67 -23.50
C CYS C 266 -17.58 -7.62 -23.58
N ILE C 267 -18.06 -6.81 -22.65
CA ILE C 267 -17.36 -5.61 -22.21
C ILE C 267 -16.08 -5.99 -21.45
N GLN C 268 -16.17 -6.92 -20.53
CA GLN C 268 -14.99 -7.35 -19.77
C GLN C 268 -13.87 -7.87 -20.66
N ARG C 269 -14.21 -8.57 -21.74
CA ARG C 269 -13.18 -9.10 -22.62
C ARG C 269 -12.34 -7.96 -23.20
N PHE C 270 -13.00 -6.86 -23.54
CA PHE C 270 -12.27 -5.69 -24.04
C PHE C 270 -11.43 -5.06 -22.92
N ILE C 271 -12.06 -4.75 -21.78
CA ILE C 271 -11.39 -4.02 -20.73
C ILE C 271 -10.22 -4.81 -20.18
N ASN C 272 -10.41 -6.11 -19.96
CA ASN C 272 -9.32 -6.94 -19.43
C ASN C 272 -8.10 -6.92 -20.36
N PHE C 273 -8.39 -6.96 -21.66
CA PHE C 273 -7.35 -6.91 -22.70
C PHE C 273 -6.55 -5.60 -22.65
N VAL C 274 -7.25 -4.47 -22.62
CA VAL C 274 -6.52 -3.20 -22.62
C VAL C 274 -5.83 -2.89 -21.30
N VAL C 275 -6.42 -3.32 -20.17
CA VAL C 275 -5.77 -3.09 -18.89
C VAL C 275 -4.40 -3.79 -18.85
N LYS C 276 -4.33 -5.00 -19.40
CA LYS C 276 -3.03 -5.70 -19.51
C LYS C 276 -1.99 -4.97 -20.33
N LEU C 277 -2.42 -4.22 -21.34
CA LEU C 277 -1.50 -3.41 -22.15
C LEU C 277 -1.03 -2.13 -21.47
N GLY C 278 -1.85 -1.60 -20.57
CA GLY C 278 -1.63 -0.31 -19.95
C GLY C 278 -2.75 0.60 -20.41
N PHE C 279 -3.70 0.86 -19.51
CA PHE C 279 -4.96 1.51 -19.86
C PHE C 279 -5.33 2.62 -18.88
N GLY C 280 -5.24 3.86 -19.34
CA GLY C 280 -5.61 5.00 -18.54
C GLY C 280 -6.30 6.02 -19.40
N VAL C 281 -6.34 7.24 -18.91
CA VAL C 281 -7.12 8.28 -19.54
C VAL C 281 -6.66 8.56 -20.97
N SER C 282 -5.35 8.57 -21.20
N SER C 282 -5.34 8.58 -21.21
CA SER C 282 -4.83 8.82 -22.54
CA SER C 282 -4.80 8.79 -22.57
C SER C 282 -5.32 7.78 -23.56
C SER C 282 -5.36 7.78 -23.55
N GLN C 283 -5.44 6.54 -23.09
CA GLN C 283 -5.82 5.42 -23.93
C GLN C 283 -7.32 5.51 -24.19
N THR C 284 -8.08 5.90 -23.17
CA THR C 284 -9.49 6.21 -23.35
C THR C 284 -9.71 7.28 -24.43
N LYS C 285 -8.92 8.34 -24.38
CA LYS C 285 -9.02 9.42 -25.40
C LYS C 285 -8.82 8.86 -26.79
N ALA C 286 -7.78 8.05 -26.94
CA ALA C 286 -7.45 7.43 -28.23
C ALA C 286 -8.56 6.49 -28.71
N ILE C 287 -9.13 5.74 -27.77
CA ILE C 287 -10.19 4.79 -28.13
C ILE C 287 -11.43 5.55 -28.58
N MET C 288 -11.79 6.61 -27.87
CA MET C 288 -12.94 7.41 -28.26
C MET C 288 -12.74 7.97 -29.68
N THR C 289 -11.56 8.47 -29.97
CA THR C 289 -11.26 9.01 -31.30
C THR C 289 -11.46 7.93 -32.36
N LEU C 290 -10.93 6.75 -32.08
CA LEU C 290 -11.03 5.61 -33.01
C LEU C 290 -12.48 5.20 -33.25
N VAL C 291 -13.23 5.05 -32.17
CA VAL C 291 -14.59 4.52 -32.26
C VAL C 291 -15.58 5.54 -32.82
N SER C 292 -15.50 6.77 -32.32
CA SER C 292 -16.48 7.80 -32.65
C SER C 292 -16.15 8.55 -33.93
N GLY C 293 -14.88 8.58 -34.31
CA GLY C 293 -14.42 9.43 -35.39
C GLY C 293 -14.36 10.91 -35.09
N ILE C 294 -14.61 11.29 -33.82
CA ILE C 294 -14.51 12.67 -33.37
C ILE C 294 -13.11 12.82 -32.78
N PRO C 295 -12.35 13.83 -33.23
CA PRO C 295 -10.98 13.94 -32.75
C PRO C 295 -10.89 14.45 -31.30
N MET C 296 -10.50 13.58 -30.38
CA MET C 296 -10.30 13.97 -28.98
C MET C 296 -8.98 14.69 -28.78
N GLY C 297 -8.04 14.54 -29.71
CA GLY C 297 -6.76 15.16 -29.58
C GLY C 297 -5.87 14.53 -28.53
N PRO C 298 -4.68 15.13 -28.31
CA PRO C 298 -3.77 14.59 -27.33
C PRO C 298 -4.27 14.85 -25.91
N PRO C 299 -3.77 14.09 -24.94
CA PRO C 299 -3.98 14.43 -23.55
C PRO C 299 -2.95 15.47 -23.12
N ARG C 300 -3.17 16.06 -21.96
CA ARG C 300 -2.26 17.02 -21.36
C ARG C 300 -1.31 16.32 -20.43
N LEU C 301 -0.04 16.74 -20.44
CA LEU C 301 0.92 16.28 -19.45
C LEU C 301 0.34 16.50 -18.04
N PRO C 302 0.47 15.55 -17.13
CA PRO C 302 1.40 14.42 -17.15
C PRO C 302 0.92 13.13 -17.84
N LEU C 303 -0.16 13.20 -18.62
CA LEU C 303 -0.53 12.10 -19.48
C LEU C 303 0.30 12.21 -20.76
N GLN C 304 0.47 11.08 -21.41
CA GLN C 304 1.15 10.99 -22.70
C GLN C 304 0.23 10.29 -23.68
N LYS C 305 0.23 10.78 -24.93
CA LYS C 305 -0.63 10.20 -25.97
C LYS C 305 -0.37 8.71 -26.10
N ALA C 306 -1.45 7.98 -26.36
CA ALA C 306 -1.38 6.52 -26.47
C ALA C 306 -0.49 6.12 -27.64
N SER C 307 0.21 5.02 -27.47
CA SER C 307 1.13 4.54 -28.48
C SER C 307 0.36 3.95 -29.66
N ARG C 308 1.03 3.91 -30.81
CA ARG C 308 0.49 3.23 -31.97
C ARG C 308 0.29 1.73 -31.69
N GLU C 309 1.18 1.15 -30.88
CA GLU C 309 1.08 -0.27 -30.53
C GLU C 309 -0.20 -0.50 -29.74
N PHE C 310 -0.47 0.38 -28.77
CA PHE C 310 -1.71 0.29 -28.01
C PHE C 310 -2.95 0.42 -28.93
N THR C 311 -2.99 1.46 -29.75
CA THR C 311 -4.18 1.71 -30.57
C THR C 311 -4.41 0.61 -31.62
N ASP C 312 -3.34 0.09 -32.22
CA ASP C 312 -3.46 -1.05 -33.14
C ASP C 312 -4.03 -2.27 -32.41
N SER C 313 -3.50 -2.56 -31.22
CA SER C 313 -3.95 -3.71 -30.45
C SER C 313 -5.42 -3.56 -30.04
N ALA C 314 -5.77 -2.39 -29.50
CA ALA C 314 -7.14 -2.09 -29.07
C ALA C 314 -8.14 -2.13 -30.23
N GLU C 315 -7.76 -1.56 -31.37
CA GLU C 315 -8.62 -1.56 -32.55
C GLU C 315 -8.94 -2.97 -32.97
N ALA C 316 -7.91 -3.82 -33.03
CA ALA C 316 -8.08 -5.23 -33.43
C ALA C 316 -9.02 -5.94 -32.46
N LYS C 317 -8.84 -5.69 -31.18
CA LYS C 317 -9.74 -6.30 -30.17
C LYS C 317 -11.18 -5.81 -30.25
N LEU C 318 -11.37 -4.50 -30.45
CA LEU C 318 -12.73 -3.94 -30.63
C LEU C 318 -13.43 -4.58 -31.83
N LYS C 319 -12.69 -4.76 -32.93
CA LYS C 319 -13.23 -5.41 -34.11
C LYS C 319 -13.63 -6.85 -33.83
N SER C 320 -12.73 -7.59 -33.19
CA SER C 320 -12.98 -9.00 -32.86
C SER C 320 -14.20 -9.19 -31.93
N LEU C 321 -14.54 -8.18 -31.14
CA LEU C 321 -15.72 -8.21 -30.25
C LEU C 321 -16.95 -7.47 -30.79
N ASP C 322 -16.93 -7.09 -32.08
CA ASP C 322 -18.05 -6.36 -32.71
C ASP C 322 -18.41 -5.01 -32.08
N PHE C 323 -17.43 -4.32 -31.51
CA PHE C 323 -17.60 -2.94 -31.06
C PHE C 323 -17.19 -1.91 -32.10
N LEU C 324 -16.69 -2.37 -33.24
CA LEU C 324 -16.14 -1.50 -34.28
C LEU C 324 -16.16 -2.21 -35.64
N LYS D 24 -20.00 -35.85 -8.69
CA LYS D 24 -18.82 -35.32 -7.94
C LYS D 24 -18.42 -33.92 -8.44
N LYS D 25 -19.12 -32.90 -7.93
CA LYS D 25 -18.80 -31.49 -8.21
C LYS D 25 -19.00 -30.65 -6.94
N LEU D 26 -17.95 -29.94 -6.53
CA LEU D 26 -17.98 -29.04 -5.37
C LEU D 26 -18.79 -27.80 -5.73
N GLN D 27 -19.95 -27.64 -5.10
CA GLN D 27 -20.89 -26.56 -5.45
C GLN D 27 -21.71 -26.13 -4.24
N GLY D 28 -22.36 -24.97 -4.36
CA GLY D 28 -23.14 -24.42 -3.26
C GLY D 28 -22.23 -23.95 -2.15
N LEU D 29 -22.74 -23.94 -0.93
CA LEU D 29 -21.98 -23.43 0.20
C LEU D 29 -20.92 -24.40 0.69
N VAL D 30 -19.75 -23.83 1.01
CA VAL D 30 -18.66 -24.58 1.60
C VAL D 30 -18.28 -23.81 2.86
N ALA D 31 -18.48 -24.40 4.03
CA ALA D 31 -18.13 -23.71 5.26
C ALA D 31 -16.63 -23.85 5.47
N ALA D 32 -15.96 -22.70 5.63
CA ALA D 32 -14.58 -22.70 6.08
C ALA D 32 -14.63 -22.93 7.57
N THR D 33 -14.20 -24.11 7.98
CA THR D 33 -14.45 -24.56 9.35
C THR D 33 -13.44 -23.95 10.32
N ILE D 34 -13.93 -23.74 11.53
CA ILE D 34 -13.16 -23.27 12.65
C ILE D 34 -12.43 -24.48 13.24
N THR D 35 -11.27 -24.23 13.85
CA THR D 35 -10.56 -25.26 14.58
C THR D 35 -10.95 -25.07 16.06
N PRO D 36 -11.83 -25.94 16.59
CA PRO D 36 -12.15 -25.82 18.01
C PRO D 36 -10.91 -26.09 18.86
N MET D 37 -10.73 -25.29 19.90
CA MET D 37 -9.61 -25.42 20.81
C MET D 37 -10.12 -25.43 22.24
N THR D 38 -9.42 -26.16 23.11
CA THR D 38 -9.69 -26.03 24.55
C THR D 38 -9.03 -24.74 25.06
N GLU D 39 -9.27 -24.41 26.32
CA GLU D 39 -8.77 -23.15 26.87
C GLU D 39 -7.26 -23.05 26.88
N ASN D 40 -6.57 -24.20 26.96
CA ASN D 40 -5.09 -24.27 26.86
C ASN D 40 -4.51 -24.10 25.43
N GLY D 41 -5.38 -23.93 24.43
CA GLY D 41 -4.94 -23.73 23.05
C GLY D 41 -4.73 -25.01 22.26
N GLU D 42 -4.93 -26.17 22.89
CA GLU D 42 -4.82 -27.46 22.19
C GLU D 42 -6.07 -27.67 21.39
N ILE D 43 -5.97 -28.46 20.32
CA ILE D 43 -7.14 -28.70 19.47
C ILE D 43 -8.14 -29.56 20.24
N ASN D 44 -9.40 -29.14 20.21
CA ASN D 44 -10.49 -29.90 20.81
C ASN D 44 -11.12 -30.77 19.74
N PHE D 45 -10.52 -31.94 19.53
CA PHE D 45 -11.00 -32.90 18.56
C PHE D 45 -12.38 -33.44 18.89
N SER D 46 -12.71 -33.48 20.17
CA SER D 46 -13.93 -34.16 20.66
C SER D 46 -15.23 -33.56 20.17
N VAL D 47 -15.24 -32.28 19.82
CA VAL D 47 -16.46 -31.60 19.37
C VAL D 47 -16.63 -31.56 17.83
N ILE D 48 -15.68 -32.13 17.08
CA ILE D 48 -15.76 -32.08 15.61
C ILE D 48 -16.97 -32.85 15.06
N GLY D 49 -17.27 -34.02 15.63
CA GLY D 49 -18.49 -34.76 15.24
C GLY D 49 -19.75 -33.94 15.42
N GLN D 50 -19.84 -33.26 16.56
CA GLN D 50 -20.99 -32.41 16.88
C GLN D 50 -21.12 -31.25 15.88
N TYR D 51 -19.96 -30.72 15.49
CA TYR D 51 -19.86 -29.61 14.57
C TYR D 51 -20.32 -30.07 13.18
N VAL D 52 -19.83 -31.23 12.72
CA VAL D 52 -20.27 -31.78 11.45
C VAL D 52 -21.80 -31.94 11.45
N ASP D 53 -22.35 -32.56 12.49
CA ASP D 53 -23.81 -32.77 12.54
C ASP D 53 -24.57 -31.44 12.50
N TYR D 54 -24.04 -30.44 13.20
CA TYR D 54 -24.64 -29.11 13.26
C TYR D 54 -24.68 -28.45 11.88
N LEU D 55 -23.56 -28.50 11.15
CA LEU D 55 -23.48 -27.95 9.81
C LEU D 55 -24.53 -28.55 8.89
N VAL D 56 -24.62 -29.89 8.91
CA VAL D 56 -25.55 -30.60 8.04
C VAL D 56 -27.00 -30.30 8.41
N LYS D 57 -27.32 -30.44 9.70
CA LYS D 57 -28.69 -30.31 10.21
C LYS D 57 -29.20 -28.88 10.32
N GLU D 58 -28.44 -28.01 10.96
CA GLU D 58 -28.91 -26.67 11.28
C GLU D 58 -28.57 -25.63 10.23
N GLN D 59 -27.52 -25.85 9.45
CA GLN D 59 -27.07 -24.83 8.48
C GLN D 59 -27.27 -25.22 7.03
N GLY D 60 -27.62 -26.48 6.78
CA GLY D 60 -27.77 -26.98 5.41
C GLY D 60 -26.48 -26.92 4.62
N VAL D 61 -25.36 -27.11 5.31
CA VAL D 61 -24.04 -27.02 4.69
C VAL D 61 -23.54 -28.43 4.51
N LYS D 62 -23.23 -28.78 3.27
CA LYS D 62 -22.81 -30.13 2.89
C LYS D 62 -21.31 -30.26 2.58
N ASN D 63 -20.59 -29.13 2.53
CA ASN D 63 -19.19 -29.12 2.15
C ASN D 63 -18.41 -28.30 3.16
N ILE D 64 -17.19 -28.73 3.44
CA ILE D 64 -16.29 -27.96 4.28
C ILE D 64 -14.90 -27.77 3.68
N PHE D 65 -14.27 -26.69 4.12
CA PHE D 65 -12.95 -26.29 3.70
C PHE D 65 -12.14 -26.18 5.00
N VAL D 66 -11.24 -27.12 5.20
CA VAL D 66 -10.54 -27.35 6.47
C VAL D 66 -9.14 -26.71 6.48
N ASN D 67 -8.81 -26.06 7.60
CA ASN D 67 -7.48 -25.47 7.84
C ASN D 67 -7.18 -24.29 6.90
N GLY D 68 -8.23 -23.58 6.50
CA GLY D 68 -8.06 -22.33 5.80
C GLY D 68 -7.84 -21.25 6.83
N THR D 69 -8.05 -20.02 6.40
CA THR D 69 -7.84 -18.89 7.29
C THR D 69 -8.70 -19.00 8.57
N THR D 70 -9.97 -19.35 8.41
CA THR D 70 -10.94 -19.44 9.50
C THR D 70 -10.55 -20.53 10.49
N GLY D 71 -9.91 -21.57 9.95
CA GLY D 71 -9.39 -22.66 10.73
C GLY D 71 -8.04 -22.42 11.38
N GLU D 72 -7.50 -21.21 11.25
CA GLU D 72 -6.18 -20.89 11.76
C GLU D 72 -5.16 -21.89 11.24
N GLY D 73 -5.33 -22.35 10.00
CA GLY D 73 -4.56 -23.49 9.51
C GLY D 73 -3.06 -23.30 9.61
N LEU D 74 -2.59 -22.11 9.21
CA LEU D 74 -1.15 -21.87 9.23
C LEU D 74 -0.60 -21.54 10.62
N SER D 75 -1.47 -21.42 11.63
CA SER D 75 -1.05 -21.36 13.02
C SER D 75 -0.81 -22.75 13.63
N LEU D 76 -1.28 -23.81 12.96
CA LEU D 76 -1.17 -25.18 13.44
C LEU D 76 0.10 -25.83 12.93
N SER D 77 0.67 -26.74 13.71
CA SER D 77 1.81 -27.49 13.24
C SER D 77 1.36 -28.51 12.18
N VAL D 78 2.32 -29.02 11.41
CA VAL D 78 2.00 -30.02 10.38
C VAL D 78 1.30 -31.20 11.05
N SER D 79 1.82 -31.64 12.19
CA SER D 79 1.21 -32.78 12.90
C SER D 79 -0.24 -32.50 13.32
N GLU D 80 -0.49 -31.32 13.87
CA GLU D 80 -1.85 -30.89 14.20
C GLU D 80 -2.77 -30.83 12.99
N ARG D 81 -2.25 -30.33 11.87
CA ARG D 81 -3.05 -30.21 10.65
C ARG D 81 -3.44 -31.58 10.11
N ARG D 82 -2.52 -32.54 10.23
CA ARG D 82 -2.81 -33.92 9.86
C ARG D 82 -3.90 -34.51 10.76
N GLN D 83 -3.72 -34.38 12.08
CA GLN D 83 -4.67 -34.94 13.06
C GLN D 83 -6.07 -34.40 12.85
N VAL D 84 -6.19 -33.09 12.68
CA VAL D 84 -7.50 -32.47 12.59
C VAL D 84 -8.16 -32.77 11.25
N ALA D 85 -7.37 -32.82 10.17
CA ALA D 85 -7.87 -33.28 8.87
C ALA D 85 -8.45 -34.69 8.98
N GLU D 86 -7.73 -35.57 9.67
CA GLU D 86 -8.23 -36.94 9.90
C GLU D 86 -9.60 -36.94 10.57
N GLU D 87 -9.74 -36.11 11.59
CA GLU D 87 -10.96 -36.07 12.37
C GLU D 87 -12.11 -35.51 11.53
N TRP D 88 -11.83 -34.46 10.74
CA TRP D 88 -12.85 -33.93 9.84
C TRP D 88 -13.32 -34.95 8.78
N VAL D 89 -12.36 -35.63 8.16
CA VAL D 89 -12.66 -36.62 7.14
C VAL D 89 -13.46 -37.77 7.75
N THR D 90 -12.99 -38.30 8.88
CA THR D 90 -13.68 -39.40 9.57
C THR D 90 -15.10 -39.04 10.02
N LYS D 91 -15.24 -37.90 10.70
CA LYS D 91 -16.55 -37.46 11.19
C LYS D 91 -17.48 -36.97 10.07
N GLY D 92 -16.91 -36.61 8.93
CA GLY D 92 -17.67 -36.22 7.73
C GLY D 92 -18.21 -37.36 6.89
N LYS D 93 -17.68 -38.57 7.09
CA LYS D 93 -18.10 -39.76 6.30
C LYS D 93 -19.61 -39.97 6.37
N ASP D 94 -20.22 -40.13 5.20
CA ASP D 94 -21.67 -40.35 5.06
C ASP D 94 -22.53 -39.23 5.67
N LYS D 95 -21.97 -38.03 5.81
CA LYS D 95 -22.68 -36.88 6.36
C LYS D 95 -22.46 -35.66 5.48
N LEU D 96 -21.19 -35.30 5.28
CA LEU D 96 -20.84 -34.25 4.34
C LEU D 96 -20.62 -34.83 2.96
N ASP D 97 -20.98 -34.06 1.94
CA ASP D 97 -20.67 -34.41 0.55
C ASP D 97 -19.19 -34.32 0.27
N GLN D 98 -18.54 -33.24 0.72
CA GLN D 98 -17.12 -33.01 0.42
C GLN D 98 -16.37 -32.38 1.57
N VAL D 99 -15.20 -32.94 1.85
CA VAL D 99 -14.25 -32.39 2.80
C VAL D 99 -13.00 -32.03 2.00
N ILE D 100 -12.73 -30.73 1.92
CA ILE D 100 -11.58 -30.21 1.19
C ILE D 100 -10.56 -29.70 2.18
N ILE D 101 -9.31 -30.13 2.04
CA ILE D 101 -8.27 -29.78 3.01
C ILE D 101 -7.39 -28.72 2.41
N HIS D 102 -7.25 -27.60 3.13
CA HIS D 102 -6.24 -26.62 2.77
C HIS D 102 -4.89 -27.16 3.23
N VAL D 103 -4.02 -27.45 2.26
CA VAL D 103 -2.69 -27.98 2.51
C VAL D 103 -1.58 -26.99 2.22
N GLY D 104 -1.95 -25.73 1.99
CA GLY D 104 -0.97 -24.70 1.75
C GLY D 104 -0.05 -24.48 2.93
N ALA D 105 1.21 -24.17 2.62
CA ALA D 105 2.21 -23.85 3.62
C ALA D 105 3.28 -23.03 2.94
N LEU D 106 4.09 -22.34 3.74
CA LEU D 106 5.22 -21.61 3.19
C LEU D 106 6.31 -22.54 2.67
N SER D 107 6.43 -23.72 3.30
CA SER D 107 7.38 -24.73 2.87
C SER D 107 6.75 -25.73 1.90
N LEU D 108 7.34 -25.82 0.71
CA LEU D 108 6.91 -26.77 -0.30
C LEU D 108 6.87 -28.19 0.24
N LYS D 109 7.91 -28.56 1.00
CA LYS D 109 7.99 -29.92 1.57
C LYS D 109 6.85 -30.19 2.53
N GLU D 110 6.48 -29.21 3.34
CA GLU D 110 5.35 -29.35 4.24
C GLU D 110 4.01 -29.44 3.49
N SER D 111 3.83 -28.62 2.47
N SER D 111 3.82 -28.61 2.47
CA SER D 111 2.61 -28.66 1.66
CA SER D 111 2.61 -28.69 1.64
C SER D 111 2.47 -30.01 0.93
C SER D 111 2.47 -30.05 0.96
N GLN D 112 3.58 -30.54 0.42
CA GLN D 112 3.61 -31.89 -0.20
C GLN D 112 3.23 -32.97 0.79
N GLU D 113 3.76 -32.89 2.01
CA GLU D 113 3.39 -33.84 3.05
C GLU D 113 1.89 -33.83 3.32
N LEU D 114 1.34 -32.63 3.48
CA LEU D 114 -0.07 -32.49 3.79
C LEU D 114 -0.95 -32.94 2.62
N ALA D 115 -0.50 -32.68 1.39
CA ALA D 115 -1.24 -33.11 0.19
C ALA D 115 -1.29 -34.62 0.12
N GLN D 116 -0.13 -35.26 0.27
CA GLN D 116 -0.05 -36.74 0.25
C GLN D 116 -0.93 -37.35 1.36
N HIS D 117 -0.88 -36.76 2.54
CA HIS D 117 -1.71 -37.18 3.66
C HIS D 117 -3.20 -37.05 3.38
N ALA D 118 -3.61 -35.94 2.74
CA ALA D 118 -5.01 -35.75 2.39
C ALA D 118 -5.51 -36.85 1.44
N ALA D 119 -4.66 -37.22 0.49
CA ALA D 119 -4.98 -38.33 -0.42
C ALA D 119 -5.09 -39.64 0.37
N GLU D 120 -4.14 -39.89 1.26
CA GLU D 120 -4.12 -41.12 2.08
C GLU D 120 -5.40 -41.32 2.90
N ILE D 121 -5.87 -40.24 3.52
CA ILE D 121 -7.05 -40.30 4.39
C ILE D 121 -8.39 -40.25 3.65
N GLY D 122 -8.35 -39.99 2.34
CA GLY D 122 -9.56 -39.98 1.54
C GLY D 122 -10.33 -38.67 1.61
N ALA D 123 -9.60 -37.56 1.73
CA ALA D 123 -10.22 -36.25 1.53
C ALA D 123 -10.73 -36.13 0.09
N ASP D 124 -11.72 -35.28 -0.11
CA ASP D 124 -12.35 -35.12 -1.40
C ASP D 124 -11.58 -34.18 -2.32
N GLY D 125 -10.71 -33.37 -1.73
CA GLY D 125 -9.91 -32.46 -2.51
C GLY D 125 -8.93 -31.72 -1.63
N ILE D 126 -8.01 -31.04 -2.28
CA ILE D 126 -7.06 -30.19 -1.56
C ILE D 126 -7.09 -28.80 -2.15
N ALA D 127 -6.72 -27.81 -1.33
CA ALA D 127 -6.56 -26.44 -1.81
C ALA D 127 -5.22 -25.91 -1.36
N VAL D 128 -4.69 -24.95 -2.12
CA VAL D 128 -3.36 -24.43 -1.85
C VAL D 128 -3.34 -22.92 -2.07
N ILE D 129 -2.87 -22.21 -1.04
CA ILE D 129 -2.65 -20.78 -1.09
C ILE D 129 -1.28 -20.50 -1.71
N ALA D 130 -1.11 -19.37 -2.36
CA ALA D 130 0.23 -18.99 -2.81
C ALA D 130 1.14 -18.73 -1.60
N PRO D 131 2.36 -19.27 -1.60
CA PRO D 131 3.31 -18.94 -0.53
C PRO D 131 3.71 -17.46 -0.57
N PHE D 132 3.83 -16.85 0.60
CA PHE D 132 3.88 -15.39 0.72
C PHE D 132 4.99 -14.89 1.66
N PHE D 133 5.95 -15.76 2.00
CA PHE D 133 7.15 -15.35 2.76
C PHE D 133 8.12 -14.68 1.79
N LEU D 134 8.43 -15.43 0.74
CA LEU D 134 9.19 -14.97 -0.42
C LEU D 134 8.23 -15.18 -1.58
N LYS D 135 7.70 -14.10 -2.13
CA LYS D 135 6.57 -14.20 -3.08
C LYS D 135 7.04 -14.63 -4.45
N PRO D 136 6.22 -15.42 -5.16
CA PRO D 136 6.59 -15.82 -6.52
C PRO D 136 6.61 -14.62 -7.42
N TRP D 137 7.66 -14.49 -8.22
CA TRP D 137 7.82 -13.31 -9.10
C TRP D 137 6.80 -13.29 -10.24
N THR D 138 6.38 -14.47 -10.70
CA THR D 138 5.50 -14.59 -11.85
C THR D 138 4.44 -15.67 -11.67
N LYS D 139 3.42 -15.57 -12.50
CA LYS D 139 2.38 -16.60 -12.65
C LYS D 139 3.02 -17.97 -12.84
N ASP D 140 3.97 -18.07 -13.77
CA ASP D 140 4.54 -19.38 -14.10
C ASP D 140 5.31 -20.01 -12.94
N ILE D 141 5.99 -19.20 -12.15
CA ILE D 141 6.74 -19.70 -10.99
C ILE D 141 5.75 -20.18 -9.92
N LEU D 142 4.67 -19.41 -9.71
CA LEU D 142 3.62 -19.85 -8.79
C LEU D 142 3.02 -21.17 -9.25
N ILE D 143 2.78 -21.30 -10.56
CA ILE D 143 2.22 -22.55 -11.10
C ILE D 143 3.16 -23.73 -10.80
N ASN D 144 4.46 -23.50 -10.94
CA ASN D 144 5.44 -24.55 -10.65
C ASN D 144 5.36 -25.01 -9.20
N PHE D 145 5.20 -24.08 -8.26
CA PHE D 145 4.98 -24.46 -6.87
C PHE D 145 3.68 -25.27 -6.70
N LEU D 146 2.57 -24.76 -7.25
CA LEU D 146 1.26 -25.40 -7.10
C LEU D 146 1.26 -26.81 -7.72
N LYS D 147 1.90 -26.93 -8.88
CA LYS D 147 2.02 -28.22 -9.59
C LYS D 147 2.70 -29.28 -8.71
N GLU D 148 3.79 -28.89 -8.04
CA GLU D 148 4.54 -29.83 -7.20
C GLU D 148 3.72 -30.30 -5.98
N VAL D 149 2.87 -29.41 -5.46
CA VAL D 149 1.98 -29.79 -4.37
C VAL D 149 0.89 -30.71 -4.93
N ALA D 150 0.27 -30.31 -6.04
CA ALA D 150 -0.78 -31.13 -6.67
C ALA D 150 -0.28 -32.53 -6.99
N ALA D 151 0.96 -32.62 -7.44
CA ALA D 151 1.56 -33.89 -7.84
C ALA D 151 1.78 -34.87 -6.67
N ALA D 152 1.78 -34.38 -5.43
CA ALA D 152 1.78 -35.23 -4.21
C ALA D 152 0.44 -35.90 -3.90
N ALA D 153 -0.64 -35.43 -4.54
CA ALA D 153 -1.97 -36.01 -4.44
C ALA D 153 -2.53 -36.09 -5.85
N PRO D 154 -1.88 -36.92 -6.70
CA PRO D 154 -2.12 -36.83 -8.14
C PRO D 154 -3.49 -37.30 -8.65
N ALA D 155 -4.32 -37.89 -7.79
CA ALA D 155 -5.70 -38.23 -8.12
C ALA D 155 -6.74 -37.34 -7.43
N LEU D 156 -6.30 -36.36 -6.63
CA LEU D 156 -7.22 -35.59 -5.81
C LEU D 156 -7.51 -34.27 -6.51
N PRO D 157 -8.80 -33.89 -6.61
CA PRO D 157 -9.14 -32.54 -7.08
C PRO D 157 -8.36 -31.43 -6.37
N PHE D 158 -7.87 -30.47 -7.14
CA PHE D 158 -7.00 -29.42 -6.65
C PHE D 158 -7.67 -28.06 -6.84
N TYR D 159 -7.71 -27.25 -5.78
CA TYR D 159 -8.30 -25.91 -5.83
C TYR D 159 -7.26 -24.87 -5.46
N TYR D 160 -7.22 -23.78 -6.21
CA TYR D 160 -6.35 -22.66 -5.89
C TYR D 160 -7.10 -21.74 -4.92
N TYR D 161 -6.42 -21.32 -3.86
CA TYR D 161 -6.99 -20.43 -2.83
C TYR D 161 -6.36 -19.06 -3.03
N HIS D 162 -7.18 -18.15 -3.57
CA HIS D 162 -6.76 -16.81 -3.98
C HIS D 162 -7.23 -15.85 -2.90
N ILE D 163 -6.28 -15.19 -2.22
CA ILE D 163 -6.62 -14.28 -1.13
C ILE D 163 -5.55 -13.17 -1.01
N PRO D 164 -5.46 -12.30 -2.04
CA PRO D 164 -4.38 -11.30 -2.12
C PRO D 164 -4.30 -10.32 -0.96
N ALA D 165 -5.41 -10.07 -0.26
CA ALA D 165 -5.37 -9.17 0.91
C ALA D 165 -4.50 -9.72 2.02
N LEU D 166 -4.46 -11.04 2.16
CA LEU D 166 -3.62 -11.67 3.18
C LEU D 166 -2.22 -12.00 2.70
N THR D 167 -2.11 -12.51 1.48
CA THR D 167 -0.81 -12.96 0.96
C THR D 167 0.05 -11.83 0.40
N GLY D 168 -0.58 -10.80 -0.17
CA GLY D 168 0.13 -9.76 -0.90
C GLY D 168 0.63 -10.17 -2.27
N VAL D 169 0.22 -11.35 -2.73
CA VAL D 169 0.65 -11.86 -4.02
C VAL D 169 -0.22 -11.21 -5.09
N LYS D 170 0.41 -10.46 -5.99
CA LYS D 170 -0.27 -9.70 -7.02
C LYS D 170 -0.17 -10.49 -8.32
N ILE D 171 -0.85 -11.63 -8.33
CA ILE D 171 -0.99 -12.43 -9.53
C ILE D 171 -2.47 -12.65 -9.64
N ARG D 172 -3.04 -12.26 -10.79
CA ARG D 172 -4.49 -12.36 -10.98
C ARG D 172 -4.91 -13.79 -11.25
N ALA D 173 -6.04 -14.17 -10.68
CA ALA D 173 -6.54 -15.52 -10.78
C ALA D 173 -6.81 -15.94 -12.22
N GLU D 174 -7.39 -15.05 -13.04
CA GLU D 174 -7.75 -15.44 -14.39
C GLU D 174 -6.48 -15.76 -15.19
N GLU D 175 -5.41 -15.02 -14.95
CA GLU D 175 -4.13 -15.31 -15.60
C GLU D 175 -3.55 -16.65 -15.16
N LEU D 176 -3.66 -16.96 -13.87
CA LEU D 176 -3.22 -18.25 -13.33
C LEU D 176 -4.00 -19.41 -13.96
N LEU D 177 -5.33 -19.24 -14.08
CA LEU D 177 -6.19 -20.30 -14.62
C LEU D 177 -5.98 -20.57 -16.11
N ASP D 178 -5.42 -19.61 -16.84
CA ASP D 178 -5.33 -19.68 -18.30
C ASP D 178 -4.41 -20.83 -18.71
N GLY D 179 -4.99 -21.88 -19.26
CA GLY D 179 -4.26 -23.09 -19.65
C GLY D 179 -3.70 -23.92 -18.48
N ILE D 180 -4.28 -23.76 -17.29
CA ILE D 180 -3.79 -24.40 -16.08
C ILE D 180 -3.78 -25.94 -16.14
N LEU D 181 -4.75 -26.54 -16.82
CA LEU D 181 -4.87 -28.00 -16.85
C LEU D 181 -3.68 -28.69 -17.52
N ASP D 182 -3.02 -28.00 -18.44
CA ASP D 182 -1.82 -28.51 -19.10
C ASP D 182 -0.65 -28.67 -18.14
N LYS D 183 -0.65 -27.88 -17.05
CA LYS D 183 0.38 -27.95 -16.01
C LYS D 183 -0.07 -28.72 -14.77
N ILE D 184 -1.34 -28.57 -14.39
CA ILE D 184 -1.89 -29.16 -13.17
C ILE D 184 -3.14 -29.94 -13.56
N PRO D 185 -2.94 -31.22 -13.95
CA PRO D 185 -4.08 -31.96 -14.50
C PRO D 185 -5.24 -32.22 -13.54
N THR D 186 -4.98 -32.14 -12.23
CA THR D 186 -6.01 -32.29 -11.21
C THR D 186 -6.74 -30.97 -10.88
N PHE D 187 -6.40 -29.88 -11.56
CA PHE D 187 -7.04 -28.60 -11.27
C PHE D 187 -8.54 -28.66 -11.48
N GLN D 188 -9.30 -28.29 -10.46
CA GLN D 188 -10.75 -28.34 -10.51
C GLN D 188 -11.47 -27.07 -10.11
N GLY D 189 -10.76 -26.06 -9.64
CA GLY D 189 -11.43 -24.81 -9.36
C GLY D 189 -10.67 -23.85 -8.52
N LEU D 190 -11.40 -22.82 -8.10
CA LEU D 190 -10.86 -21.63 -7.52
C LEU D 190 -11.67 -21.26 -6.29
N LYS D 191 -11.00 -20.92 -5.19
CA LYS D 191 -11.64 -20.21 -4.08
C LYS D 191 -11.15 -18.77 -4.18
N PHE D 192 -12.05 -17.86 -4.53
CA PHE D 192 -11.68 -16.47 -4.86
C PHE D 192 -12.11 -15.54 -3.74
N SER D 193 -11.17 -15.20 -2.85
CA SER D 193 -11.43 -14.28 -1.74
CA SER D 193 -11.44 -14.29 -1.75
C SER D 193 -10.85 -12.91 -2.05
N ASP D 194 -11.56 -12.16 -2.89
CA ASP D 194 -11.09 -10.88 -3.44
C ASP D 194 -12.35 -10.25 -4.00
N THR D 195 -12.42 -8.92 -4.02
CA THR D 195 -13.61 -8.24 -4.53
C THR D 195 -13.47 -7.79 -6.00
N ASP D 196 -12.37 -8.13 -6.66
CA ASP D 196 -12.15 -7.74 -8.04
C ASP D 196 -12.93 -8.68 -8.96
N LEU D 197 -14.12 -8.22 -9.38
CA LEU D 197 -14.99 -9.08 -10.16
C LEU D 197 -14.72 -9.00 -11.65
N LEU D 198 -13.79 -8.17 -12.10
CA LEU D 198 -13.24 -8.31 -13.46
C LEU D 198 -12.41 -9.58 -13.52
N ASP D 199 -11.53 -9.75 -12.53
CA ASP D 199 -10.73 -10.96 -12.40
C ASP D 199 -11.65 -12.18 -12.26
N PHE D 200 -12.58 -12.14 -11.31
CA PHE D 200 -13.45 -13.28 -11.07
C PHE D 200 -14.33 -13.58 -12.28
N GLY D 201 -14.94 -12.55 -12.84
CA GLY D 201 -15.75 -12.68 -14.05
C GLY D 201 -15.00 -13.34 -15.19
N GLN D 202 -13.76 -12.92 -15.44
CA GLN D 202 -12.99 -13.51 -16.53
C GLN D 202 -12.52 -14.93 -16.22
N CYS D 203 -12.37 -15.28 -14.94
CA CYS D 203 -12.17 -16.70 -14.56
C CYS D 203 -13.33 -17.55 -15.10
N VAL D 204 -14.55 -17.09 -14.83
CA VAL D 204 -15.78 -17.77 -15.26
C VAL D 204 -15.89 -17.78 -16.79
N ASP D 205 -15.75 -16.60 -17.39
CA ASP D 205 -15.98 -16.41 -18.81
C ASP D 205 -14.99 -17.18 -19.67
N GLN D 206 -13.72 -17.17 -19.28
CA GLN D 206 -12.66 -17.76 -20.08
C GLN D 206 -12.49 -19.25 -19.85
N ASN D 207 -13.20 -19.84 -18.89
CA ASN D 207 -13.00 -21.25 -18.58
C ASN D 207 -14.33 -21.98 -18.56
N ARG D 208 -15.07 -21.83 -19.65
CA ARG D 208 -16.40 -22.42 -19.81
C ARG D 208 -16.40 -23.91 -20.12
N GLN D 209 -15.38 -24.34 -20.86
CA GLN D 209 -15.24 -25.75 -21.22
C GLN D 209 -14.95 -26.66 -20.02
N GLN D 210 -14.43 -26.10 -18.92
CA GLN D 210 -13.66 -26.88 -17.96
C GLN D 210 -14.42 -27.54 -16.81
N GLN D 211 -15.69 -27.17 -16.59
CA GLN D 211 -16.46 -27.63 -15.43
C GLN D 211 -15.80 -27.28 -14.08
N PHE D 212 -15.07 -26.17 -14.03
CA PHE D 212 -14.39 -25.74 -12.80
C PHE D 212 -15.41 -25.24 -11.79
N ALA D 213 -15.07 -25.36 -10.51
CA ALA D 213 -15.79 -24.71 -9.44
C ALA D 213 -15.28 -23.29 -9.32
N PHE D 214 -16.19 -22.32 -9.37
CA PHE D 214 -15.83 -20.91 -9.19
C PHE D 214 -16.47 -20.47 -7.90
N LEU D 215 -15.72 -20.66 -6.82
CA LEU D 215 -16.26 -20.49 -5.48
C LEU D 215 -15.87 -19.13 -4.96
N PHE D 216 -16.85 -18.32 -4.60
CA PHE D 216 -16.57 -16.95 -4.20
C PHE D 216 -16.33 -16.92 -2.71
N GLY D 217 -15.35 -16.13 -2.28
CA GLY D 217 -14.89 -16.11 -0.89
C GLY D 217 -15.20 -14.88 -0.05
N VAL D 218 -15.99 -13.94 -0.58
CA VAL D 218 -16.34 -12.72 0.19
C VAL D 218 -17.83 -12.75 0.54
N ASP D 219 -18.13 -13.35 1.68
CA ASP D 219 -19.51 -13.72 2.03
C ASP D 219 -20.47 -12.51 1.97
N GLU D 220 -19.97 -11.39 2.47
CA GLU D 220 -20.77 -10.17 2.61
C GLU D 220 -21.21 -9.57 1.29
N GLN D 221 -20.66 -10.05 0.16
CA GLN D 221 -21.18 -9.63 -1.15
C GLN D 221 -21.40 -10.81 -2.09
N LEU D 222 -21.81 -11.95 -1.55
CA LEU D 222 -21.95 -13.15 -2.38
C LEU D 222 -22.91 -12.92 -3.57
N LEU D 223 -24.02 -12.26 -3.34
CA LEU D 223 -25.02 -12.05 -4.42
C LEU D 223 -24.36 -11.40 -5.66
N SER D 224 -23.44 -10.47 -5.40
CA SER D 224 -22.72 -9.80 -6.48
C SER D 224 -21.86 -10.75 -7.31
N ALA D 225 -21.35 -11.79 -6.68
CA ALA D 225 -20.62 -12.84 -7.38
C ALA D 225 -21.54 -13.87 -8.06
N LEU D 226 -22.70 -14.15 -7.46
CA LEU D 226 -23.67 -15.04 -8.09
C LEU D 226 -24.09 -14.51 -9.45
N VAL D 227 -24.33 -13.20 -9.54
CA VAL D 227 -24.72 -12.61 -10.83
C VAL D 227 -23.58 -12.68 -11.87
N MET D 228 -22.34 -12.81 -11.40
CA MET D 228 -21.17 -12.93 -12.26
C MET D 228 -20.76 -14.36 -12.58
N GLY D 229 -21.58 -15.33 -12.14
CA GLY D 229 -21.41 -16.72 -12.50
C GLY D 229 -20.77 -17.62 -11.48
N ALA D 230 -20.67 -17.18 -10.23
CA ALA D 230 -20.16 -18.04 -9.15
C ALA D 230 -21.01 -19.31 -9.07
N THR D 231 -20.31 -20.43 -8.90
CA THR D 231 -20.97 -21.74 -8.80
C THR D 231 -21.15 -22.20 -7.34
N GLY D 232 -20.65 -21.39 -6.41
CA GLY D 232 -20.75 -21.69 -5.00
C GLY D 232 -19.99 -20.65 -4.21
N ALA D 233 -19.84 -20.93 -2.92
CA ALA D 233 -19.17 -19.99 -2.02
C ALA D 233 -18.44 -20.73 -0.94
N VAL D 234 -17.29 -20.21 -0.54
CA VAL D 234 -16.53 -20.75 0.58
C VAL D 234 -16.33 -19.60 1.55
N GLY D 235 -16.67 -19.81 2.81
CA GLY D 235 -16.56 -18.74 3.77
C GLY D 235 -16.88 -19.11 5.18
N SER D 236 -16.48 -18.20 6.06
CA SER D 236 -16.65 -18.37 7.50
C SER D 236 -18.09 -18.21 7.98
N THR D 237 -18.89 -17.39 7.30
CA THR D 237 -20.22 -17.08 7.84
C THR D 237 -21.19 -18.27 7.71
N TYR D 238 -20.88 -19.22 6.82
CA TYR D 238 -21.81 -20.33 6.54
C TYR D 238 -21.83 -21.34 7.68
N ASN D 239 -20.86 -21.25 8.59
CA ASN D 239 -20.91 -21.99 9.86
C ASN D 239 -22.12 -21.67 10.71
N TYR D 240 -22.58 -20.41 10.69
CA TYR D 240 -23.69 -19.95 11.54
C TYR D 240 -24.80 -19.17 10.82
N LEU D 241 -24.57 -18.78 9.56
CA LEU D 241 -25.59 -18.14 8.70
C LEU D 241 -25.87 -18.97 7.45
N GLY D 242 -25.53 -20.25 7.47
CA GLY D 242 -25.70 -21.12 6.30
C GLY D 242 -27.15 -21.28 5.87
N LYS D 243 -28.04 -21.43 6.85
CA LYS D 243 -29.47 -21.58 6.53
C LYS D 243 -29.99 -20.35 5.81
N LYS D 244 -29.70 -19.18 6.36
CA LYS D 244 -30.09 -17.92 5.73
C LYS D 244 -29.45 -17.70 4.35
N THR D 245 -28.19 -18.04 4.24
CA THR D 245 -27.49 -17.94 2.94
C THR D 245 -28.06 -18.89 1.90
N ASN D 246 -28.41 -20.10 2.33
CA ASN D 246 -29.10 -21.06 1.45
C ASN D 246 -30.43 -20.53 0.95
N GLN D 247 -31.16 -19.78 1.78
CA GLN D 247 -32.40 -19.14 1.32
C GLN D 247 -32.12 -18.15 0.20
N MET D 248 -31.02 -17.41 0.33
CA MET D 248 -30.60 -16.46 -0.69
C MET D 248 -30.22 -17.14 -1.99
N LEU D 249 -29.44 -18.22 -1.88
CA LEU D 249 -29.05 -19.00 -3.04
C LEU D 249 -30.27 -19.56 -3.75
N GLU D 250 -31.25 -20.02 -2.98
CA GLU D 250 -32.47 -20.58 -3.55
C GLU D 250 -33.26 -19.51 -4.29
N ALA D 251 -33.42 -18.36 -3.67
CA ALA D 251 -34.11 -17.22 -4.30
C ALA D 251 -33.44 -16.88 -5.62
N PHE D 252 -32.10 -16.81 -5.61
CA PHE D 252 -31.37 -16.54 -6.85
C PHE D 252 -31.63 -17.61 -7.92
N GLU D 253 -31.51 -18.89 -7.55
CA GLU D 253 -31.71 -19.97 -8.53
C GLU D 253 -33.15 -19.97 -9.05
N GLN D 254 -34.10 -19.59 -8.20
CA GLN D 254 -35.52 -19.52 -8.59
C GLN D 254 -35.89 -18.19 -9.24
N LYS D 255 -34.89 -17.38 -9.60
CA LYS D 255 -35.13 -16.14 -10.33
C LYS D 255 -36.02 -15.17 -9.53
N ASP D 256 -35.89 -15.19 -8.21
CA ASP D 256 -36.53 -14.18 -7.38
C ASP D 256 -35.43 -13.27 -6.84
N PHE D 257 -34.98 -12.36 -7.71
CA PHE D 257 -33.78 -11.60 -7.43
C PHE D 257 -33.98 -10.50 -6.40
N SER D 258 -35.23 -10.02 -6.31
CA SER D 258 -35.58 -9.03 -5.30
C SER D 258 -35.54 -9.66 -3.91
N LEU D 259 -36.06 -10.87 -3.81
CA LEU D 259 -35.97 -11.62 -2.56
C LEU D 259 -34.50 -11.90 -2.22
N ALA D 260 -33.73 -12.32 -3.22
CA ALA D 260 -32.30 -12.60 -3.01
C ALA D 260 -31.56 -11.37 -2.46
N LEU D 261 -31.85 -10.19 -3.00
CA LEU D 261 -31.23 -8.97 -2.50
C LEU D 261 -31.66 -8.65 -1.06
N ASN D 262 -32.95 -8.79 -0.75
CA ASN D 262 -33.43 -8.61 0.61
C ASN D 262 -32.65 -9.51 1.58
N TYR D 263 -32.46 -10.78 1.21
CA TYR D 263 -31.70 -11.70 2.06
C TYR D 263 -30.23 -11.28 2.20
N GLN D 264 -29.62 -10.88 1.09
CA GLN D 264 -28.24 -10.41 1.14
C GLN D 264 -28.11 -9.21 2.07
N PHE D 265 -29.04 -8.27 1.96
CA PHE D 265 -28.98 -7.08 2.81
C PHE D 265 -29.09 -7.41 4.31
N CYS D 266 -29.94 -8.37 4.66
N CYS D 266 -29.93 -8.37 4.67
CA CYS D 266 -30.05 -8.80 6.06
CA CYS D 266 -30.04 -8.77 6.07
C CYS D 266 -28.71 -9.33 6.57
C CYS D 266 -28.71 -9.34 6.58
N ILE D 267 -28.06 -10.18 5.78
CA ILE D 267 -26.74 -10.69 6.10
C ILE D 267 -25.71 -9.56 6.20
N GLN D 268 -25.73 -8.64 5.23
CA GLN D 268 -24.85 -7.45 5.27
C GLN D 268 -25.02 -6.60 6.52
N ARG D 269 -26.26 -6.43 6.98
CA ARG D 269 -26.49 -5.66 8.22
C ARG D 269 -25.70 -6.26 9.39
N PHE D 270 -25.69 -7.59 9.51
CA PHE D 270 -24.92 -8.23 10.56
C PHE D 270 -23.42 -8.06 10.33
N ILE D 271 -22.96 -8.43 9.14
CA ILE D 271 -21.52 -8.41 8.88
C ILE D 271 -20.94 -7.01 9.01
N ASN D 272 -21.63 -6.01 8.47
CA ASN D 272 -21.14 -4.63 8.56
C ASN D 272 -21.04 -4.16 10.01
N PHE D 273 -22.00 -4.58 10.82
CA PHE D 273 -21.99 -4.25 12.24
C PHE D 273 -20.71 -4.77 12.90
N VAL D 274 -20.34 -6.01 12.60
CA VAL D 274 -19.13 -6.58 13.20
C VAL D 274 -17.84 -6.06 12.55
N VAL D 275 -17.87 -5.80 11.24
CA VAL D 275 -16.73 -5.18 10.53
C VAL D 275 -16.34 -3.85 11.21
N LYS D 276 -17.33 -3.02 11.53
CA LYS D 276 -17.05 -1.76 12.25
C LYS D 276 -16.39 -1.95 13.63
N LEU D 277 -16.70 -3.03 14.34
CA LEU D 277 -16.13 -3.31 15.66
C LEU D 277 -14.73 -3.94 15.62
N GLY D 278 -14.39 -4.62 14.54
CA GLY D 278 -13.16 -5.40 14.44
C GLY D 278 -13.56 -6.86 14.27
N PHE D 279 -13.53 -7.34 13.04
CA PHE D 279 -14.04 -8.66 12.69
C PHE D 279 -12.98 -9.53 12.01
N GLY D 280 -12.38 -10.38 12.80
CA GLY D 280 -11.44 -11.36 12.30
C GLY D 280 -11.82 -12.74 12.76
N VAL D 281 -10.85 -13.64 12.66
CA VAL D 281 -11.05 -15.04 12.98
C VAL D 281 -11.47 -15.25 14.44
N SER D 282 -10.89 -14.48 15.37
N SER D 282 -10.90 -14.49 15.37
CA SER D 282 -11.28 -14.55 16.78
CA SER D 282 -11.29 -14.61 16.76
C SER D 282 -12.78 -14.34 16.99
C SER D 282 -12.78 -14.34 16.99
N GLN D 283 -13.32 -13.34 16.30
CA GLN D 283 -14.72 -12.96 16.40
C GLN D 283 -15.61 -14.05 15.79
N THR D 284 -15.19 -14.61 14.68
CA THR D 284 -15.85 -15.78 14.10
C THR D 284 -15.98 -16.93 15.09
N LYS D 285 -14.89 -17.25 15.80
CA LYS D 285 -14.93 -18.34 16.79
C LYS D 285 -15.97 -18.06 17.85
N ALA D 286 -15.96 -16.84 18.35
CA ALA D 286 -16.92 -16.43 19.39
C ALA D 286 -18.38 -16.45 18.89
N ILE D 287 -18.61 -15.99 17.67
CA ILE D 287 -19.98 -15.99 17.09
C ILE D 287 -20.47 -17.44 16.89
N MET D 288 -19.60 -18.31 16.39
CA MET D 288 -20.00 -19.70 16.22
C MET D 288 -20.38 -20.35 17.55
N THR D 289 -19.57 -20.13 18.58
CA THR D 289 -19.87 -20.63 19.93
C THR D 289 -21.24 -20.15 20.40
N LEU D 290 -21.49 -18.86 20.24
CA LEU D 290 -22.77 -18.23 20.61
C LEU D 290 -23.97 -18.82 19.86
N VAL D 291 -23.84 -18.96 18.55
CA VAL D 291 -24.96 -19.41 17.71
C VAL D 291 -25.19 -20.92 17.84
N SER D 292 -24.13 -21.70 17.74
CA SER D 292 -24.25 -23.16 17.70
C SER D 292 -24.35 -23.83 19.09
N GLY D 293 -23.86 -23.16 20.12
CA GLY D 293 -23.71 -23.80 21.43
C GLY D 293 -22.55 -24.77 21.56
N ILE D 294 -21.74 -24.92 20.50
CA ILE D 294 -20.59 -25.81 20.51
C ILE D 294 -19.38 -24.94 20.85
N PRO D 295 -18.58 -25.36 21.84
CA PRO D 295 -17.49 -24.48 22.27
C PRO D 295 -16.32 -24.47 21.29
N MET D 296 -16.10 -23.36 20.60
CA MET D 296 -14.94 -23.24 19.70
C MET D 296 -13.68 -22.90 20.46
N GLY D 297 -13.81 -22.36 21.67
CA GLY D 297 -12.68 -21.98 22.47
C GLY D 297 -11.95 -20.76 21.94
N PRO D 298 -10.79 -20.44 22.55
CA PRO D 298 -10.02 -19.30 22.14
C PRO D 298 -9.28 -19.59 20.86
N PRO D 299 -8.82 -18.52 20.19
CA PRO D 299 -7.91 -18.67 19.08
C PRO D 299 -6.48 -18.77 19.61
N ARG D 300 -5.57 -19.19 18.75
CA ARG D 300 -4.15 -19.25 19.06
C ARG D 300 -3.47 -17.92 18.75
N LEU D 301 -2.48 -17.55 19.54
CA LEU D 301 -1.62 -16.39 19.22
C LEU D 301 -1.06 -16.58 17.79
N PRO D 302 -0.98 -15.53 16.98
CA PRO D 302 -1.09 -14.14 17.37
C PRO D 302 -2.51 -13.55 17.36
N LEU D 303 -3.55 -14.37 17.34
CA LEU D 303 -4.90 -13.87 17.57
C LEU D 303 -5.18 -13.76 19.06
N GLN D 304 -6.14 -12.90 19.38
CA GLN D 304 -6.62 -12.72 20.74
C GLN D 304 -8.11 -13.00 20.84
N LYS D 305 -8.52 -13.74 21.87
CA LYS D 305 -9.95 -14.05 22.06
C LYS D 305 -10.83 -12.82 22.00
N ALA D 306 -12.02 -12.99 21.45
CA ALA D 306 -12.97 -11.91 21.36
C ALA D 306 -13.44 -11.54 22.77
N SER D 307 -13.82 -10.29 22.94
CA SER D 307 -14.29 -9.81 24.23
C SER D 307 -15.71 -10.22 24.54
N ARG D 308 -16.04 -10.18 25.81
CA ARG D 308 -17.43 -10.35 26.26
C ARG D 308 -18.32 -9.27 25.63
N GLU D 309 -17.84 -8.03 25.59
CA GLU D 309 -18.58 -6.89 24.99
C GLU D 309 -18.96 -7.23 23.56
N PHE D 310 -17.96 -7.71 22.80
CA PHE D 310 -18.20 -8.06 21.39
C PHE D 310 -19.25 -9.14 21.25
N THR D 311 -19.09 -10.22 22.01
CA THR D 311 -19.99 -11.36 21.94
C THR D 311 -21.43 -10.95 22.26
N ASP D 312 -21.61 -10.17 23.32
CA ASP D 312 -22.92 -9.64 23.68
C ASP D 312 -23.50 -8.74 22.59
N SER D 313 -22.67 -7.88 21.99
CA SER D 313 -23.10 -7.03 20.88
C SER D 313 -23.54 -7.84 19.66
N ALA D 314 -22.74 -8.86 19.32
CA ALA D 314 -23.04 -9.73 18.17
C ALA D 314 -24.33 -10.49 18.40
N GLU D 315 -24.52 -10.97 19.63
CA GLU D 315 -25.75 -11.67 20.01
C GLU D 315 -26.97 -10.78 19.84
N ALA D 316 -26.89 -9.56 20.35
CA ALA D 316 -28.00 -8.61 20.22
C ALA D 316 -28.28 -8.34 18.73
N LYS D 317 -27.23 -8.18 17.94
CA LYS D 317 -27.42 -7.90 16.51
C LYS D 317 -28.05 -9.07 15.78
N LEU D 318 -27.58 -10.29 16.06
CA LEU D 318 -28.17 -11.49 15.47
C LEU D 318 -29.65 -11.64 15.83
N LYS D 319 -29.98 -11.40 17.10
CA LYS D 319 -31.37 -11.45 17.54
C LYS D 319 -32.22 -10.41 16.81
N SER D 320 -31.69 -9.19 16.67
CA SER D 320 -32.42 -8.10 16.01
C SER D 320 -32.74 -8.38 14.54
N LEU D 321 -31.93 -9.23 13.91
CA LEU D 321 -32.12 -9.65 12.51
C LEU D 321 -32.80 -11.02 12.34
N ASP D 322 -33.29 -11.60 13.45
CA ASP D 322 -33.90 -12.94 13.46
C ASP D 322 -32.96 -14.03 12.93
N PHE D 323 -31.67 -13.90 13.25
CA PHE D 323 -30.67 -14.93 12.96
C PHE D 323 -30.42 -15.85 14.14
N LEU D 324 -31.27 -15.76 15.18
CA LEU D 324 -31.14 -16.56 16.38
C LEU D 324 -32.53 -16.85 16.94
#